data_3KKE
#
_entry.id   3KKE
#
_cell.length_a   64.599
_cell.length_b   65.468
_cell.length_c   116.034
_cell.angle_alpha   90.000
_cell.angle_beta   90.720
_cell.angle_gamma   90.000
#
_symmetry.space_group_name_H-M   'P 1 21 1'
#
loop_
_entity.id
_entity.type
_entity.pdbx_description
1 polymer 'LacI family Transcriptional regulator'
2 non-polymer 'ACETATE ION'
3 water water
#
_entity_poly.entity_id   1
_entity_poly.type   'polypeptide(L)'
_entity_poly.pdbx_seq_one_letter_code
;MSLNARARALRHSRSGTIGLIVPDVNNAVFADMFSGVQMAASGHSTDVLLGQIDAPPRGTQQLSRLVSEGRVDGVLLQRR
EDFDDDMLAAVLEGVPAVTINSRVPGRVGSVILDDQKGGGIATEHLITLGHSRIAFISGTAIHDTAQRRKEGYLETLASA
GLRSEAAWVVDAGWEADAGSAALNTLYRGANLGKPDGPTAVVVASVNAAVGALSTALRLGLRVPEDLSIVGINTTWVSDT
VYPALTTVRLPLQRLGEVAADVLMEHLGGRALTDTVVTQPTPELLVRETTAPPTREGHHHHHH
;
_entity_poly.pdbx_strand_id   A,B,C,D
#
loop_
_chem_comp.id
_chem_comp.type
_chem_comp.name
_chem_comp.formula
ACT non-polymer 'ACETATE ION' 'C2 H3 O2 -1'
#
# COMPACT_ATOMS: atom_id res chain seq x y z
N THR A 17 0.15 -2.82 32.13
CA THR A 17 -1.16 -2.90 31.42
C THR A 17 -1.10 -2.48 29.93
N ILE A 18 -1.90 -3.14 29.09
CA ILE A 18 -2.00 -2.82 27.65
C ILE A 18 -3.42 -2.49 27.21
N GLY A 19 -3.53 -1.71 26.13
CA GLY A 19 -4.81 -1.30 25.56
C GLY A 19 -5.08 -2.05 24.25
N LEU A 20 -6.27 -2.62 24.12
CA LEU A 20 -6.68 -3.22 22.87
C LEU A 20 -7.74 -2.29 22.28
N ILE A 21 -7.38 -1.60 21.20
CA ILE A 21 -8.29 -0.67 20.53
C ILE A 21 -8.85 -1.32 19.25
N VAL A 22 -10.18 -1.44 19.18
CA VAL A 22 -10.86 -2.18 18.10
C VAL A 22 -11.95 -1.32 17.41
N PRO A 23 -12.36 -1.68 16.17
CA PRO A 23 -13.43 -0.96 15.49
C PRO A 23 -14.83 -1.18 16.13
N ASP A 24 -15.12 -2.43 16.47
CA ASP A 24 -16.34 -2.84 17.19
C ASP A 24 -16.09 -4.25 17.71
N VAL A 25 -16.66 -4.58 18.86
CA VAL A 25 -16.48 -5.89 19.44
C VAL A 25 -17.37 -6.95 18.74
N ASN A 26 -18.28 -6.52 17.88
CA ASN A 26 -19.02 -7.43 16.99
C ASN A 26 -18.22 -7.99 15.84
N ASN A 27 -17.05 -7.42 15.56
CA ASN A 27 -16.20 -7.86 14.46
C ASN A 27 -15.89 -9.37 14.56
N ALA A 28 -15.90 -10.05 13.40
CA ALA A 28 -15.74 -11.52 13.28
C ALA A 28 -14.50 -12.10 13.96
N VAL A 29 -13.39 -11.39 13.82
CA VAL A 29 -12.12 -11.84 14.35
C VAL A 29 -11.95 -11.51 15.82
N PHE A 30 -12.82 -10.68 16.38
CA PHE A 30 -12.61 -10.17 17.75
C PHE A 30 -12.47 -11.25 18.81
N ALA A 31 -13.44 -12.15 18.89
CA ALA A 31 -13.46 -13.14 19.94
C ALA A 31 -12.18 -14.00 20.00
N ASP A 32 -11.77 -14.58 18.88
CA ASP A 32 -10.55 -15.45 18.88
C ASP A 32 -9.27 -14.60 19.14
N MET A 33 -9.20 -13.43 18.52
CA MET A 33 -8.10 -12.48 18.68
C MET A 33 -7.97 -12.03 20.16
N PHE A 34 -9.10 -11.67 20.77
CA PHE A 34 -9.10 -11.26 22.16
C PHE A 34 -8.63 -12.36 23.08
N SER A 35 -9.16 -13.56 22.88
CA SER A 35 -8.75 -14.65 23.76
C SER A 35 -7.25 -14.88 23.68
N GLY A 36 -6.66 -14.68 22.51
CA GLY A 36 -5.23 -14.79 22.36
C GLY A 36 -4.49 -13.67 23.09
N VAL A 37 -4.95 -12.45 22.89
CA VAL A 37 -4.36 -11.30 23.55
C VAL A 37 -4.44 -11.54 25.08
N GLN A 38 -5.61 -11.95 25.56
CA GLN A 38 -5.84 -12.09 26.99
C GLN A 38 -4.97 -13.17 27.60
N MET A 39 -4.95 -14.35 26.98
CA MET A 39 -4.10 -15.44 27.42
C MET A 39 -2.61 -15.03 27.52
N ALA A 40 -2.08 -14.34 26.52
CA ALA A 40 -0.64 -13.96 26.58
C ALA A 40 -0.41 -12.89 27.63
N ALA A 41 -1.25 -11.85 27.61
CA ALA A 41 -1.15 -10.74 28.53
C ALA A 41 -1.26 -11.24 30.00
N SER A 42 -2.26 -12.07 30.29
CA SER A 42 -2.46 -12.58 31.66
C SER A 42 -1.27 -13.43 32.09
N GLY A 43 -0.67 -14.10 31.11
CA GLY A 43 0.51 -14.92 31.32
C GLY A 43 1.65 -14.16 31.97
N HIS A 44 1.70 -12.87 31.65
CA HIS A 44 2.69 -11.91 32.19
C HIS A 44 2.07 -10.98 33.22
N SER A 45 0.97 -11.39 33.83
CA SER A 45 0.28 -10.56 34.84
C SER A 45 0.03 -9.13 34.33
N THR A 46 -0.37 -9.02 33.05
CA THR A 46 -0.68 -7.72 32.43
C THR A 46 -2.16 -7.68 32.05
N ASP A 47 -2.84 -6.59 32.35
CA ASP A 47 -4.25 -6.51 32.09
C ASP A 47 -4.49 -5.84 30.74
N VAL A 48 -5.65 -6.16 30.18
CA VAL A 48 -6.09 -5.66 28.90
C VAL A 48 -7.29 -4.74 29.06
N LEU A 49 -7.10 -3.52 28.60
CA LEU A 49 -8.05 -2.44 28.65
C LEU A 49 -8.62 -2.30 27.25
N LEU A 50 -9.93 -2.42 27.12
CA LEU A 50 -10.54 -2.51 25.81
C LEU A 50 -11.15 -1.21 25.42
N GLY A 51 -10.95 -0.80 24.18
CA GLY A 51 -11.50 0.42 23.67
C GLY A 51 -11.99 0.25 22.25
N GLN A 52 -13.05 1.00 21.95
CA GLN A 52 -13.82 0.85 20.74
C GLN A 52 -13.96 2.21 20.14
N ILE A 53 -13.59 2.34 18.84
CA ILE A 53 -13.62 3.63 18.11
C ILE A 53 -14.61 3.71 16.92
N ASP A 54 -15.35 4.83 16.87
CA ASP A 54 -16.31 5.16 15.78
C ASP A 54 -15.65 5.56 14.45
N ALA A 55 -16.49 5.92 13.47
CA ALA A 55 -16.03 6.41 12.16
C ALA A 55 -15.39 7.79 12.27
N PRO A 56 -14.45 8.14 11.37
CA PRO A 56 -13.98 9.51 11.35
C PRO A 56 -15.12 10.37 10.89
N PRO A 57 -15.26 11.58 11.43
CA PRO A 57 -14.33 12.42 12.19
C PRO A 57 -14.12 12.06 13.66
N ARG A 58 -15.22 11.77 14.39
CA ARG A 58 -15.16 11.51 15.84
C ARG A 58 -14.22 10.36 16.14
N GLY A 59 -14.14 9.42 15.19
CA GLY A 59 -13.23 8.29 15.27
C GLY A 59 -11.79 8.66 15.51
N THR A 60 -11.31 9.70 14.80
CA THR A 60 -9.89 10.07 14.91
C THR A 60 -9.61 10.78 16.24
N GLN A 61 -10.53 11.65 16.64
CA GLN A 61 -10.49 12.32 17.94
C GLN A 61 -10.45 11.32 19.12
N GLN A 62 -11.41 10.39 19.18
CA GLN A 62 -11.44 9.35 20.22
C GLN A 62 -10.11 8.65 20.29
N LEU A 63 -9.53 8.39 19.11
CA LEU A 63 -8.28 7.65 19.07
C LEU A 63 -7.12 8.51 19.55
N SER A 64 -7.05 9.77 19.12
CA SER A 64 -6.02 10.70 19.63
C SER A 64 -6.12 10.90 21.14
N ARG A 65 -7.33 11.11 21.65
CA ARG A 65 -7.51 11.24 23.09
C ARG A 65 -7.17 9.91 23.74
N LEU A 66 -7.79 8.83 23.26
CA LEU A 66 -7.65 7.52 23.87
C LEU A 66 -6.25 6.92 23.75
N VAL A 67 -5.46 7.40 22.79
CA VAL A 67 -4.07 6.92 22.67
C VAL A 67 -3.15 7.84 23.41
N SER A 68 -3.27 9.14 23.17
CA SER A 68 -2.45 10.13 23.85
C SER A 68 -2.56 10.04 25.38
N GLU A 69 -3.79 10.16 25.89
CA GLU A 69 -4.03 10.27 27.35
C GLU A 69 -3.37 9.14 28.12
N GLY A 70 -3.67 7.91 27.71
CA GLY A 70 -2.90 6.70 28.06
C GLY A 70 -2.76 6.34 29.53
N ARG A 71 -3.68 5.49 30.02
CA ARG A 71 -3.49 4.71 31.28
C ARG A 71 -2.98 3.32 30.88
N VAL A 72 -2.22 3.29 29.78
CA VAL A 72 -1.71 2.07 29.21
C VAL A 72 -0.26 2.30 28.82
N ASP A 73 0.53 1.27 28.97
CA ASP A 73 1.95 1.30 28.66
C ASP A 73 2.12 1.20 27.14
N GLY A 74 1.16 0.53 26.49
CA GLY A 74 1.14 0.34 25.04
C GLY A 74 -0.18 -0.17 24.48
N VAL A 75 -0.28 -0.15 23.16
CA VAL A 75 -1.52 -0.27 22.46
C VAL A 75 -1.42 -1.36 21.39
N LEU A 76 -2.41 -2.25 21.38
CA LEU A 76 -2.73 -3.10 20.24
C LEU A 76 -3.89 -2.49 19.43
N LEU A 77 -3.65 -2.16 18.17
CA LEU A 77 -4.69 -1.52 17.34
C LEU A 77 -5.11 -2.39 16.13
N GLN A 78 -6.37 -2.77 16.11
CA GLN A 78 -7.01 -3.29 14.89
C GLN A 78 -7.63 -2.10 14.17
N ARG A 79 -7.19 -1.86 12.94
CA ARG A 79 -7.53 -0.65 12.24
C ARG A 79 -8.96 -0.74 11.74
N ARG A 80 -9.67 0.38 11.79
CA ARG A 80 -11.00 0.44 11.21
C ARG A 80 -10.92 0.43 9.68
N GLU A 81 -11.94 -0.13 9.03
CA GLU A 81 -11.93 -0.26 7.60
C GLU A 81 -12.05 1.11 6.86
N ASP A 82 -12.47 2.14 7.58
CA ASP A 82 -12.58 3.50 7.04
C ASP A 82 -11.45 4.46 7.51
N PHE A 83 -10.41 3.92 8.14
CA PHE A 83 -9.26 4.68 8.56
C PHE A 83 -8.17 4.48 7.53
N ASP A 84 -7.80 5.55 6.85
CA ASP A 84 -6.69 5.43 5.91
C ASP A 84 -5.34 5.46 6.60
N ASP A 85 -4.33 5.04 5.84
CA ASP A 85 -2.95 4.96 6.30
C ASP A 85 -2.51 6.25 6.96
N ASP A 86 -3.02 7.37 6.47
CA ASP A 86 -2.73 8.71 6.98
C ASP A 86 -3.23 8.93 8.39
N MET A 87 -4.51 8.63 8.61
CA MET A 87 -5.20 8.78 9.90
C MET A 87 -4.56 7.91 11.02
N LEU A 88 -3.98 6.77 10.66
CA LEU A 88 -3.30 5.93 11.64
C LEU A 88 -1.85 6.35 11.90
N ALA A 89 -1.09 6.64 10.84
CA ALA A 89 0.32 6.99 10.99
C ALA A 89 0.52 8.17 11.98
N ALA A 90 -0.36 9.18 11.88
CA ALA A 90 -0.26 10.41 12.71
C ALA A 90 -0.58 10.17 14.19
N VAL A 91 -1.66 9.41 14.42
CA VAL A 91 -2.04 8.97 15.76
C VAL A 91 -0.99 8.08 16.42
N LEU A 92 -0.38 7.18 15.65
CA LEU A 92 0.58 6.23 16.21
C LEU A 92 1.97 6.83 16.37
N GLU A 93 2.17 8.04 15.84
CA GLU A 93 3.43 8.73 16.04
C GLU A 93 3.73 8.76 17.54
N GLY A 94 4.92 8.28 17.92
CA GLY A 94 5.38 8.33 19.32
C GLY A 94 4.68 7.46 20.36
N VAL A 95 3.87 6.49 19.92
CA VAL A 95 3.15 5.60 20.84
C VAL A 95 3.61 4.16 20.63
N PRO A 96 4.02 3.47 21.71
CA PRO A 96 4.32 2.03 21.56
C PRO A 96 3.07 1.26 21.10
N ALA A 97 3.09 0.78 19.86
CA ALA A 97 1.87 0.29 19.22
C ALA A 97 2.19 -0.83 18.26
N VAL A 98 1.35 -1.85 18.29
CA VAL A 98 1.41 -2.93 17.33
C VAL A 98 0.05 -2.97 16.66
N THR A 99 0.03 -2.85 15.34
CA THR A 99 -1.23 -3.00 14.60
C THR A 99 -1.48 -4.47 14.40
N ILE A 100 -2.74 -4.90 14.51
CA ILE A 100 -3.06 -6.33 14.43
C ILE A 100 -4.03 -6.56 13.33
N ASN A 101 -3.77 -7.58 12.53
CA ASN A 101 -4.58 -7.83 11.33
C ASN A 101 -4.55 -6.67 10.33
N SER A 102 -3.48 -5.89 10.41
CA SER A 102 -3.22 -4.75 9.54
C SER A 102 -1.79 -4.25 9.80
N ARG A 103 -1.18 -3.66 8.76
CA ARG A 103 0.17 -3.08 8.79
C ARG A 103 0.11 -1.74 8.04
N VAL A 104 0.58 -0.68 8.69
CA VAL A 104 0.60 0.64 8.11
C VAL A 104 1.96 0.96 7.45
N PRO A 105 1.94 1.43 6.18
CA PRO A 105 3.19 1.82 5.53
C PRO A 105 3.98 2.87 6.33
N GLY A 106 5.29 2.75 6.32
CA GLY A 106 6.13 3.82 6.88
C GLY A 106 6.31 3.81 8.40
N ARG A 107 5.89 2.74 9.06
CA ARG A 107 6.18 2.51 10.49
C ARG A 107 6.41 1.01 10.67
N VAL A 108 6.96 0.64 11.82
CA VAL A 108 7.28 -0.75 12.16
C VAL A 108 6.47 -1.15 13.41
N GLY A 109 5.96 -2.38 13.47
CA GLY A 109 5.14 -2.82 14.60
C GLY A 109 3.75 -3.30 14.18
N SER A 110 3.72 -4.54 13.72
CA SER A 110 2.50 -5.08 13.19
C SER A 110 2.54 -6.56 13.21
N VAL A 111 1.37 -7.15 13.35
CA VAL A 111 1.24 -8.58 13.14
C VAL A 111 0.03 -8.83 12.26
N ILE A 112 0.25 -9.55 11.16
CA ILE A 112 -0.78 -9.87 10.21
C ILE A 112 -0.88 -11.36 9.98
N LEU A 113 -1.99 -11.75 9.37
CA LEU A 113 -2.22 -13.11 8.91
C LEU A 113 -1.67 -13.33 7.51
N ASP A 114 -1.57 -14.59 7.14
CA ASP A 114 -1.13 -14.99 5.82
C ASP A 114 -2.28 -14.83 4.80
N ASP A 115 -2.59 -13.57 4.53
CA ASP A 115 -3.78 -13.23 3.82
C ASP A 115 -3.82 -13.76 2.36
N GLN A 116 -2.68 -13.74 1.71
CA GLN A 116 -2.57 -14.15 0.33
C GLN A 116 -2.84 -15.63 0.23
N LYS A 117 -2.22 -16.40 1.09
CA LYS A 117 -2.51 -17.84 1.14
C LYS A 117 -3.97 -18.14 1.57
N GLY A 118 -4.60 -17.34 2.42
CA GLY A 118 -6.01 -17.50 2.68
C GLY A 118 -6.91 -17.26 1.45
N GLY A 119 -6.69 -16.16 0.76
CA GLY A 119 -7.38 -15.92 -0.51
C GLY A 119 -7.09 -17.04 -1.52
N GLY A 120 -5.88 -17.56 -1.49
CA GLY A 120 -5.46 -18.56 -2.45
C GLY A 120 -6.18 -19.88 -2.20
N ILE A 121 -6.25 -20.26 -0.93
CA ILE A 121 -6.91 -21.50 -0.56
C ILE A 121 -8.40 -21.43 -0.87
N ALA A 122 -9.03 -20.31 -0.56
CA ALA A 122 -10.43 -20.17 -0.88
C ALA A 122 -10.64 -20.37 -2.40
N THR A 123 -9.88 -19.61 -3.19
CA THR A 123 -9.96 -19.65 -4.64
C THR A 123 -9.65 -21.03 -5.24
N GLU A 124 -8.55 -21.63 -4.82
CA GLU A 124 -8.14 -22.93 -5.27
C GLU A 124 -9.20 -24.00 -5.08
N HIS A 125 -9.91 -23.94 -3.95
CA HIS A 125 -10.94 -24.92 -3.64
C HIS A 125 -12.04 -24.81 -4.70
N LEU A 126 -12.40 -23.60 -5.09
CA LEU A 126 -13.42 -23.38 -6.13
C LEU A 126 -12.94 -23.83 -7.54
N ILE A 127 -11.64 -23.68 -7.82
CA ILE A 127 -11.11 -24.10 -9.11
C ILE A 127 -11.12 -25.67 -9.20
N THR A 128 -10.83 -26.34 -8.08
CA THR A 128 -10.80 -27.83 -8.05
C THR A 128 -12.22 -28.44 -8.22
N LEU A 129 -13.23 -27.70 -7.80
CA LEU A 129 -14.66 -28.08 -7.99
C LEU A 129 -15.18 -27.83 -9.40
N GLY A 130 -14.40 -27.15 -10.22
CA GLY A 130 -14.71 -26.93 -11.61
C GLY A 130 -15.16 -25.53 -11.99
N HIS A 131 -15.01 -24.54 -11.11
CA HIS A 131 -15.46 -23.20 -11.43
C HIS A 131 -14.38 -22.46 -12.24
N SER A 132 -14.83 -21.70 -13.25
CA SER A 132 -13.93 -20.93 -14.11
C SER A 132 -14.11 -19.45 -13.92
N ARG A 133 -15.33 -19.04 -13.63
CA ARG A 133 -15.68 -17.65 -13.49
C ARG A 133 -16.07 -17.41 -12.04
N ILE A 134 -15.14 -16.78 -11.33
CA ILE A 134 -15.16 -16.65 -9.86
C ILE A 134 -14.99 -15.19 -9.50
N ALA A 135 -15.93 -14.69 -8.71
CA ALA A 135 -15.99 -13.33 -8.31
C ALA A 135 -15.31 -13.13 -6.95
N PHE A 136 -15.06 -11.88 -6.57
CA PHE A 136 -14.43 -11.62 -5.28
C PHE A 136 -15.08 -10.43 -4.64
N ILE A 137 -15.63 -10.63 -3.45
CA ILE A 137 -16.16 -9.55 -2.66
C ILE A 137 -15.15 -9.23 -1.57
N SER A 138 -14.48 -8.08 -1.71
CA SER A 138 -13.37 -7.74 -0.84
C SER A 138 -13.85 -6.99 0.36
N GLY A 139 -12.92 -6.64 1.26
CA GLY A 139 -13.18 -5.57 2.25
C GLY A 139 -13.06 -4.23 1.56
N THR A 140 -12.81 -3.16 2.31
CA THR A 140 -12.73 -1.84 1.72
C THR A 140 -11.39 -1.73 0.94
N ALA A 141 -11.34 -0.78 0.02
CA ALA A 141 -10.14 -0.47 -0.77
C ALA A 141 -9.03 0.02 0.15
N ILE A 142 -9.40 0.65 1.25
CA ILE A 142 -8.50 1.15 2.28
C ILE A 142 -7.77 0.04 3.05
N HIS A 143 -8.42 -1.08 3.28
CA HIS A 143 -7.87 -2.10 4.14
C HIS A 143 -6.84 -2.98 3.44
N ASP A 144 -5.60 -2.91 3.90
CA ASP A 144 -4.48 -3.68 3.33
C ASP A 144 -4.67 -5.17 3.45
N THR A 145 -5.38 -5.61 4.48
CA THR A 145 -5.68 -7.00 4.65
C THR A 145 -6.66 -7.48 3.51
N ALA A 146 -7.63 -6.66 3.17
CA ALA A 146 -8.55 -6.98 2.06
C ALA A 146 -7.77 -7.11 0.74
N GLN A 147 -6.79 -6.23 0.53
CA GLN A 147 -6.04 -6.19 -0.74
C GLN A 147 -5.11 -7.38 -0.86
N ARG A 148 -4.49 -7.78 0.27
CA ARG A 148 -3.72 -9.01 0.24
C ARG A 148 -4.56 -10.23 -0.13
N ARG A 149 -5.73 -10.34 0.45
CA ARG A 149 -6.59 -11.47 0.19
C ARG A 149 -7.01 -11.45 -1.29
N LYS A 150 -7.28 -10.26 -1.82
CA LYS A 150 -7.61 -10.09 -3.22
C LYS A 150 -6.47 -10.53 -4.13
N GLU A 151 -5.24 -10.23 -3.71
CA GLU A 151 -4.06 -10.64 -4.48
C GLU A 151 -3.93 -12.13 -4.58
N GLY A 152 -4.18 -12.80 -3.45
CA GLY A 152 -4.09 -14.24 -3.39
C GLY A 152 -5.05 -14.88 -4.38
N TYR A 153 -6.27 -14.36 -4.38
CA TYR A 153 -7.32 -14.74 -5.33
C TYR A 153 -6.88 -14.47 -6.78
N LEU A 154 -6.30 -13.28 -7.03
CA LEU A 154 -5.85 -12.94 -8.39
C LEU A 154 -4.71 -13.81 -8.91
N GLU A 155 -3.75 -14.10 -8.05
CA GLU A 155 -2.60 -14.92 -8.42
C GLU A 155 -3.10 -16.30 -8.72
N THR A 156 -3.94 -16.81 -7.83
CA THR A 156 -4.44 -18.16 -7.96
C THR A 156 -5.21 -18.36 -9.26
N LEU A 157 -6.04 -17.38 -9.63
CA LEU A 157 -6.79 -17.50 -10.85
C LEU A 157 -5.79 -17.53 -12.03
N ALA A 158 -4.80 -16.63 -11.98
CA ALA A 158 -3.86 -16.50 -13.07
C ALA A 158 -3.02 -17.75 -13.28
N SER A 159 -2.51 -18.32 -12.19
CA SER A 159 -1.72 -19.52 -12.29
C SER A 159 -2.54 -20.68 -12.81
N ALA A 160 -3.82 -20.72 -12.53
CA ALA A 160 -4.72 -21.71 -13.09
C ALA A 160 -5.17 -21.44 -14.58
N GLY A 161 -4.62 -20.39 -15.20
CA GLY A 161 -5.01 -19.99 -16.54
C GLY A 161 -6.38 -19.34 -16.65
N LEU A 162 -6.92 -18.85 -15.55
CA LEU A 162 -8.24 -18.24 -15.53
C LEU A 162 -8.17 -16.72 -15.50
N ARG A 163 -9.25 -16.07 -15.94
CA ARG A 163 -9.35 -14.60 -15.95
C ARG A 163 -10.35 -14.09 -14.88
N SER A 164 -10.13 -12.87 -14.39
CA SER A 164 -11.15 -12.13 -13.67
C SER A 164 -11.44 -10.90 -14.51
N GLU A 165 -12.40 -10.11 -14.05
CA GLU A 165 -12.89 -8.97 -14.76
C GLU A 165 -13.01 -7.93 -13.65
N ALA A 166 -12.83 -6.66 -13.99
CA ALA A 166 -13.11 -5.60 -13.04
C ALA A 166 -14.51 -5.73 -12.40
N ALA A 167 -15.50 -6.11 -13.22
CA ALA A 167 -16.89 -6.28 -12.77
C ALA A 167 -17.14 -7.42 -11.78
N TRP A 168 -16.21 -8.35 -11.71
CA TRP A 168 -16.33 -9.46 -10.78
C TRP A 168 -15.67 -9.22 -9.43
N VAL A 169 -14.98 -8.10 -9.27
CA VAL A 169 -14.25 -7.80 -8.03
C VAL A 169 -14.84 -6.54 -7.41
N VAL A 170 -15.50 -6.66 -6.26
CA VAL A 170 -16.12 -5.51 -5.63
C VAL A 170 -15.50 -5.17 -4.29
N ASP A 171 -15.10 -3.93 -4.07
CA ASP A 171 -14.65 -3.49 -2.76
C ASP A 171 -15.88 -3.23 -1.92
N ALA A 172 -16.04 -3.97 -0.83
CA ALA A 172 -17.24 -3.88 -0.02
C ALA A 172 -16.85 -3.55 1.41
N GLY A 173 -16.53 -4.56 2.21
CA GLY A 173 -16.40 -4.37 3.65
C GLY A 173 -16.36 -5.72 4.33
N TRP A 174 -16.12 -5.73 5.62
CA TRP A 174 -16.05 -6.94 6.41
C TRP A 174 -17.41 -7.43 6.87
N GLU A 175 -18.42 -6.57 6.88
CA GLU A 175 -19.66 -6.89 7.59
C GLU A 175 -20.78 -7.33 6.68
N ALA A 176 -21.78 -7.94 7.29
CA ALA A 176 -22.92 -8.50 6.60
C ALA A 176 -23.56 -7.55 5.59
N ASP A 177 -23.89 -6.34 6.00
CA ASP A 177 -24.56 -5.41 5.07
C ASP A 177 -23.73 -5.07 3.81
N ALA A 178 -22.41 -4.92 3.95
CA ALA A 178 -21.57 -4.62 2.79
C ALA A 178 -21.49 -5.87 1.91
N GLY A 179 -21.38 -7.05 2.50
CA GLY A 179 -21.45 -8.28 1.74
C GLY A 179 -22.75 -8.45 0.95
N SER A 180 -23.89 -8.20 1.61
CA SER A 180 -25.20 -8.21 0.94
C SER A 180 -25.27 -7.24 -0.21
N ALA A 181 -24.82 -6.03 0.04
CA ALA A 181 -24.85 -4.99 -0.94
C ALA A 181 -23.99 -5.37 -2.15
N ALA A 182 -22.85 -6.02 -1.90
CA ALA A 182 -21.93 -6.38 -2.98
C ALA A 182 -22.46 -7.52 -3.83
N LEU A 183 -23.11 -8.50 -3.19
CA LEU A 183 -23.76 -9.61 -3.90
C LEU A 183 -24.83 -9.06 -4.86
N ASN A 184 -25.73 -8.26 -4.32
CA ASN A 184 -26.71 -7.53 -5.11
C ASN A 184 -26.12 -6.85 -6.34
N THR A 185 -24.98 -6.20 -6.14
CA THR A 185 -24.26 -5.53 -7.23
C THR A 185 -23.73 -6.51 -8.29
N LEU A 186 -23.20 -7.65 -7.85
CA LEU A 186 -22.75 -8.72 -8.76
C LEU A 186 -23.91 -9.35 -9.51
N TYR A 187 -25.01 -9.58 -8.79
CA TYR A 187 -26.19 -10.19 -9.34
C TYR A 187 -26.81 -9.29 -10.45
N ARG A 188 -27.05 -8.04 -10.13
CA ARG A 188 -27.64 -7.08 -11.05
C ARG A 188 -26.69 -6.70 -12.22
N GLY A 189 -25.40 -6.54 -11.95
CA GLY A 189 -24.43 -6.08 -12.96
C GLY A 189 -23.61 -7.17 -13.64
N ALA A 190 -23.28 -8.24 -12.93
CA ALA A 190 -22.37 -9.22 -13.50
C ALA A 190 -23.03 -10.54 -13.89
N ASN A 191 -24.35 -10.64 -13.74
CA ASN A 191 -25.06 -11.92 -13.99
C ASN A 191 -24.57 -13.03 -13.07
N LEU A 192 -24.15 -12.68 -11.87
CA LEU A 192 -23.70 -13.69 -10.92
C LEU A 192 -24.86 -14.61 -10.72
N GLY A 193 -24.63 -15.90 -10.86
CA GLY A 193 -25.69 -16.89 -10.69
C GLY A 193 -26.57 -17.09 -11.89
N LYS A 194 -26.45 -16.22 -12.90
CA LYS A 194 -27.23 -16.34 -14.15
C LYS A 194 -26.39 -16.97 -15.24
N PRO A 195 -27.01 -17.20 -16.42
CA PRO A 195 -26.55 -17.81 -17.65
C PRO A 195 -25.02 -17.77 -17.85
N ASP A 196 -24.45 -16.60 -18.17
CA ASP A 196 -23.00 -16.48 -18.46
C ASP A 196 -22.14 -15.79 -17.38
N GLY A 197 -22.71 -15.53 -16.21
CA GLY A 197 -21.95 -14.83 -15.15
C GLY A 197 -21.08 -15.76 -14.31
N PRO A 198 -20.39 -15.21 -13.31
CA PRO A 198 -19.62 -16.10 -12.42
C PRO A 198 -20.52 -17.07 -11.64
N THR A 199 -20.00 -18.25 -11.38
CA THR A 199 -20.70 -19.32 -10.69
C THR A 199 -20.30 -19.47 -9.22
N ALA A 200 -19.30 -18.69 -8.78
CA ALA A 200 -18.82 -18.79 -7.40
C ALA A 200 -18.21 -17.45 -6.99
N VAL A 201 -18.24 -17.18 -5.70
CA VAL A 201 -17.67 -15.96 -5.17
C VAL A 201 -16.88 -16.28 -3.90
N VAL A 202 -15.69 -15.67 -3.78
CA VAL A 202 -14.87 -15.69 -2.58
C VAL A 202 -15.11 -14.38 -1.83
N VAL A 203 -15.34 -14.46 -0.52
CA VAL A 203 -15.66 -13.29 0.26
C VAL A 203 -14.55 -13.08 1.30
N ALA A 204 -13.96 -11.88 1.28
CA ALA A 204 -12.74 -11.63 2.04
C ALA A 204 -12.90 -11.77 3.55
N SER A 205 -14.11 -11.59 4.09
CA SER A 205 -14.34 -11.88 5.52
C SER A 205 -15.70 -12.50 5.75
N VAL A 206 -15.76 -13.32 6.76
CA VAL A 206 -16.89 -14.21 6.95
C VAL A 206 -18.25 -13.55 7.23
N ASN A 207 -18.28 -12.39 7.89
CA ASN A 207 -19.58 -11.76 8.15
C ASN A 207 -20.19 -11.27 6.88
N ALA A 208 -19.37 -10.62 6.03
CA ALA A 208 -19.79 -10.27 4.69
C ALA A 208 -20.28 -11.49 3.92
N ALA A 209 -19.66 -12.64 4.17
CA ALA A 209 -20.03 -13.90 3.52
C ALA A 209 -21.39 -14.38 3.94
N VAL A 210 -21.73 -14.11 5.20
CA VAL A 210 -23.05 -14.48 5.73
C VAL A 210 -24.13 -13.59 5.15
N GLY A 211 -23.83 -12.29 5.08
CA GLY A 211 -24.66 -11.35 4.31
C GLY A 211 -24.83 -11.75 2.84
N ALA A 212 -23.74 -12.15 2.19
CA ALA A 212 -23.83 -12.55 0.78
C ALA A 212 -24.73 -13.79 0.62
N LEU A 213 -24.57 -14.77 1.50
CA LEU A 213 -25.30 -16.01 1.40
C LEU A 213 -26.78 -15.71 1.56
N SER A 214 -27.11 -14.91 2.57
CA SER A 214 -28.48 -14.54 2.78
C SER A 214 -29.11 -13.88 1.59
N THR A 215 -28.43 -12.89 1.02
CA THR A 215 -28.95 -12.17 -0.13
C THR A 215 -29.08 -13.08 -1.34
N ALA A 216 -28.14 -13.98 -1.54
CA ALA A 216 -28.25 -14.94 -2.63
C ALA A 216 -29.53 -15.76 -2.45
N LEU A 217 -29.78 -16.22 -1.22
CA LEU A 217 -30.98 -16.99 -0.95
C LEU A 217 -32.26 -16.14 -1.17
N ARG A 218 -32.29 -14.91 -0.64
CA ARG A 218 -33.49 -14.07 -0.80
C ARG A 218 -33.75 -13.82 -2.27
N LEU A 219 -32.68 -13.57 -3.04
CA LEU A 219 -32.81 -13.38 -4.50
C LEU A 219 -33.33 -14.61 -5.26
N GLY A 220 -33.38 -15.78 -4.63
CA GLY A 220 -33.85 -16.98 -5.31
C GLY A 220 -32.79 -17.90 -5.86
N LEU A 221 -31.52 -17.54 -5.68
CA LEU A 221 -30.43 -18.38 -6.13
C LEU A 221 -30.29 -19.62 -5.23
N ARG A 222 -30.19 -20.79 -5.83
CA ARG A 222 -29.87 -22.00 -5.07
C ARG A 222 -28.38 -21.96 -4.68
N VAL A 223 -28.08 -22.17 -3.40
CA VAL A 223 -26.70 -22.33 -2.95
C VAL A 223 -26.56 -23.71 -2.36
N PRO A 224 -25.67 -24.55 -2.91
CA PRO A 224 -24.61 -24.28 -3.88
C PRO A 224 -24.93 -24.45 -5.40
N GLU A 225 -26.13 -24.86 -5.76
CA GLU A 225 -26.38 -25.27 -7.15
C GLU A 225 -26.15 -24.17 -8.13
N ASP A 226 -26.76 -23.01 -7.86
CA ASP A 226 -26.61 -21.82 -8.68
C ASP A 226 -25.37 -20.97 -8.34
N LEU A 227 -24.85 -21.06 -7.13
CA LEU A 227 -23.71 -20.22 -6.70
C LEU A 227 -23.01 -20.87 -5.54
N SER A 228 -21.70 -21.08 -5.67
CA SER A 228 -20.87 -21.49 -4.54
C SER A 228 -20.32 -20.26 -3.80
N ILE A 229 -20.15 -20.39 -2.49
CA ILE A 229 -19.65 -19.28 -1.64
C ILE A 229 -18.58 -19.79 -0.67
N VAL A 230 -17.44 -19.10 -0.62
CA VAL A 230 -16.41 -19.37 0.37
C VAL A 230 -16.11 -18.08 1.10
N GLY A 231 -16.09 -18.13 2.42
CA GLY A 231 -15.71 -16.97 3.21
C GLY A 231 -14.34 -17.22 3.78
N ILE A 232 -13.63 -16.16 4.07
CA ILE A 232 -12.36 -16.26 4.78
C ILE A 232 -12.55 -15.87 6.24
N ASN A 233 -11.98 -16.69 7.11
CA ASN A 233 -12.25 -16.73 8.53
C ASN A 233 -13.55 -17.51 8.82
N THR A 234 -13.66 -17.96 10.05
CA THR A 234 -14.73 -18.83 10.49
C THR A 234 -15.21 -18.42 11.85
N THR A 235 -16.52 -18.45 12.04
CA THR A 235 -17.19 -18.19 13.32
C THR A 235 -18.28 -19.24 13.53
N TRP A 236 -18.83 -19.30 14.74
CA TRP A 236 -19.99 -20.13 15.02
C TRP A 236 -21.18 -19.86 14.06
N VAL A 237 -21.36 -18.61 13.67
CA VAL A 237 -22.39 -18.22 12.70
C VAL A 237 -22.19 -18.92 11.36
N SER A 238 -20.95 -18.94 10.86
CA SER A 238 -20.73 -19.52 9.53
C SER A 238 -20.94 -21.00 9.60
N ASP A 239 -20.71 -21.56 10.79
CA ASP A 239 -20.85 -22.98 11.00
C ASP A 239 -22.28 -23.42 11.41
N THR A 240 -23.13 -22.47 11.76
CA THR A 240 -24.44 -22.75 12.26
C THR A 240 -25.50 -22.61 11.21
N VAL A 241 -25.44 -21.53 10.45
CA VAL A 241 -26.47 -21.22 9.48
C VAL A 241 -26.66 -22.36 8.50
N TYR A 242 -27.80 -22.35 7.81
CA TYR A 242 -28.14 -23.39 6.87
C TYR A 242 -28.44 -22.79 5.53
N PRO A 243 -27.69 -23.19 4.48
CA PRO A 243 -26.57 -24.12 4.49
C PRO A 243 -25.32 -23.49 5.17
N ALA A 244 -24.47 -24.32 5.75
CA ALA A 244 -23.32 -23.86 6.51
C ALA A 244 -22.24 -23.40 5.53
N LEU A 245 -21.68 -22.21 5.77
CA LEU A 245 -20.70 -21.59 4.88
C LEU A 245 -19.39 -22.32 4.90
N THR A 246 -18.91 -22.71 3.73
CA THR A 246 -17.56 -23.16 3.57
C THR A 246 -16.63 -21.97 3.83
N THR A 247 -15.61 -22.18 4.68
CA THR A 247 -14.73 -21.11 5.08
C THR A 247 -13.26 -21.52 5.11
N VAL A 248 -12.37 -20.55 5.27
CA VAL A 248 -10.97 -20.82 5.40
C VAL A 248 -10.59 -20.28 6.76
N ARG A 249 -10.26 -21.18 7.68
CA ARG A 249 -9.92 -20.78 9.05
C ARG A 249 -8.51 -20.25 9.14
N LEU A 250 -8.37 -19.06 9.71
CA LEU A 250 -7.05 -18.44 9.98
C LEU A 250 -6.78 -18.40 11.46
N PRO A 251 -5.50 -18.43 11.86
CA PRO A 251 -5.13 -18.62 13.26
C PRO A 251 -5.23 -17.35 14.07
N LEU A 252 -6.46 -16.99 14.37
CA LEU A 252 -6.73 -15.72 14.96
C LEU A 252 -6.21 -15.60 16.39
N GLN A 253 -6.29 -16.70 17.12
CA GLN A 253 -5.92 -16.72 18.53
C GLN A 253 -4.42 -16.51 18.58
N ARG A 254 -3.69 -17.24 17.75
CA ARG A 254 -2.25 -17.04 17.65
C ARG A 254 -1.90 -15.62 17.30
N LEU A 255 -2.68 -15.00 16.42
CA LEU A 255 -2.41 -13.65 16.02
C LEU A 255 -2.44 -12.73 17.25
N GLY A 256 -3.42 -12.92 18.13
CA GLY A 256 -3.52 -12.07 19.33
C GLY A 256 -2.40 -12.31 20.31
N GLU A 257 -1.97 -13.57 20.46
CA GLU A 257 -0.88 -13.93 21.35
C GLU A 257 0.44 -13.33 20.86
N VAL A 258 0.75 -13.49 19.58
CA VAL A 258 1.99 -12.94 19.01
C VAL A 258 2.03 -11.41 19.14
N ALA A 259 0.93 -10.73 18.80
CA ALA A 259 0.91 -9.25 18.82
C ALA A 259 1.09 -8.75 20.27
N ALA A 260 0.40 -9.39 21.20
CA ALA A 260 0.57 -9.08 22.63
C ALA A 260 2.04 -9.26 23.05
N ASP A 261 2.65 -10.35 22.62
CA ASP A 261 4.04 -10.68 22.93
C ASP A 261 5.01 -9.69 22.31
N VAL A 262 4.83 -9.33 21.04
CA VAL A 262 5.67 -8.33 20.39
C VAL A 262 5.57 -6.99 21.18
N LEU A 263 4.36 -6.61 21.59
CA LEU A 263 4.19 -5.35 22.32
C LEU A 263 4.92 -5.44 23.66
N MET A 264 4.61 -6.46 24.42
CA MET A 264 5.18 -6.59 25.77
C MET A 264 6.73 -6.68 25.70
N GLU A 265 7.25 -7.45 24.75
CA GLU A 265 8.69 -7.49 24.53
C GLU A 265 9.32 -6.14 24.19
N HIS A 266 8.62 -5.35 23.38
CA HIS A 266 9.06 -4.00 23.04
C HIS A 266 9.07 -3.08 24.26
N LEU A 267 8.16 -3.34 25.21
CA LEU A 267 8.07 -2.52 26.42
C LEU A 267 9.17 -2.91 27.39
N GLY A 268 9.65 -4.15 27.28
CA GLY A 268 10.85 -4.60 28.00
C GLY A 268 12.15 -4.24 27.30
N GLY A 269 12.07 -3.51 26.18
CA GLY A 269 13.28 -3.00 25.50
C GLY A 269 13.60 -3.53 24.09
N ARG A 270 12.90 -4.56 23.62
CA ARG A 270 13.16 -5.09 22.25
C ARG A 270 12.57 -4.23 21.14
N ALA A 271 13.13 -4.38 19.94
CA ALA A 271 12.58 -3.75 18.74
C ALA A 271 11.19 -4.26 18.42
N LEU A 272 10.30 -3.35 18.04
CA LEU A 272 9.06 -3.68 17.37
C LEU A 272 9.40 -4.33 16.04
N THR A 273 8.61 -5.33 15.65
CA THR A 273 8.79 -6.02 14.39
C THR A 273 7.51 -5.95 13.58
N ASP A 274 7.59 -6.47 12.37
CA ASP A 274 6.47 -6.62 11.47
C ASP A 274 6.51 -8.08 11.09
N THR A 275 5.52 -8.87 11.52
CA THR A 275 5.59 -10.33 11.29
C THR A 275 4.29 -10.82 10.71
N VAL A 276 4.34 -12.02 10.17
CA VAL A 276 3.21 -12.68 9.55
C VAL A 276 3.06 -14.00 10.36
N VAL A 277 1.86 -14.29 10.84
CA VAL A 277 1.63 -15.56 11.54
C VAL A 277 1.43 -16.55 10.42
N THR A 278 2.35 -17.49 10.27
CA THR A 278 2.27 -18.41 9.11
C THR A 278 1.94 -19.85 9.46
N GLN A 279 1.91 -20.14 10.76
CA GLN A 279 1.64 -21.47 11.29
C GLN A 279 0.61 -21.31 12.41
N PRO A 280 -0.43 -22.17 12.45
CA PRO A 280 -0.79 -23.13 11.41
C PRO A 280 -1.22 -22.48 10.10
N THR A 281 -1.12 -23.22 9.03
CA THR A 281 -1.53 -22.73 7.74
C THR A 281 -3.03 -22.60 7.68
N PRO A 282 -3.54 -21.89 6.67
CA PRO A 282 -4.97 -21.73 6.67
C PRO A 282 -5.68 -23.05 6.46
N GLU A 283 -6.84 -23.22 7.10
CA GLU A 283 -7.51 -24.49 7.02
C GLU A 283 -8.84 -24.39 6.27
N LEU A 284 -8.93 -25.01 5.09
CA LEU A 284 -10.20 -25.12 4.37
C LEU A 284 -11.22 -25.98 5.16
N LEU A 285 -12.34 -25.39 5.53
CA LEU A 285 -13.46 -26.08 6.19
C LEU A 285 -14.62 -26.19 5.20
N VAL A 286 -14.70 -27.35 4.55
CA VAL A 286 -15.70 -27.60 3.51
C VAL A 286 -16.99 -27.92 4.22
N ARG A 287 -17.99 -27.07 4.01
CA ARG A 287 -19.29 -27.25 4.63
C ARG A 287 -20.33 -27.48 3.51
N GLU A 288 -21.26 -26.56 3.27
CA GLU A 288 -22.39 -26.85 2.35
C GLU A 288 -22.63 -25.82 1.25
N THR A 289 -21.75 -24.83 1.12
CA THR A 289 -22.00 -23.75 0.18
C THR A 289 -21.11 -23.81 -1.03
N THR A 290 -20.40 -24.91 -1.22
CA THR A 290 -19.55 -25.08 -2.37
C THR A 290 -19.85 -26.43 -3.04
N ALA A 291 -20.05 -26.39 -4.35
CA ALA A 291 -20.14 -27.59 -5.21
C ALA A 291 -19.66 -27.23 -6.58
N PRO A 292 -19.51 -28.23 -7.45
CA PRO A 292 -19.33 -27.94 -8.87
C PRO A 292 -20.47 -27.10 -9.42
N PRO A 293 -20.19 -26.30 -10.45
CA PRO A 293 -21.22 -25.50 -11.09
C PRO A 293 -22.16 -26.36 -11.94
N THR A 294 -23.23 -25.75 -12.42
CA THR A 294 -24.24 -26.42 -13.24
C THR A 294 -23.85 -26.48 -14.73
N ASN B 4 -1.15 -26.06 -30.68
CA ASN B 4 -2.31 -25.22 -30.29
C ASN B 4 -2.49 -24.10 -31.32
N ALA B 5 -3.69 -24.02 -31.94
CA ALA B 5 -3.99 -22.99 -32.96
C ALA B 5 -4.16 -21.58 -32.41
N ARG B 6 -4.87 -21.43 -31.29
CA ARG B 6 -5.02 -20.10 -30.67
C ARG B 6 -3.65 -19.62 -30.17
N ALA B 7 -2.88 -20.50 -29.51
CA ALA B 7 -1.54 -20.12 -29.03
C ALA B 7 -0.59 -19.75 -30.19
N ARG B 8 -0.61 -20.56 -31.24
CA ARG B 8 0.09 -20.22 -32.50
C ARG B 8 -0.24 -18.80 -33.04
N ALA B 9 -1.52 -18.54 -33.29
CA ALA B 9 -1.94 -17.24 -33.90
C ALA B 9 -1.79 -15.99 -33.00
N LEU B 10 -1.83 -16.17 -31.69
CA LEU B 10 -1.62 -15.05 -30.76
C LEU B 10 -0.20 -14.47 -30.96
N ARG B 11 0.77 -15.35 -31.22
CA ARG B 11 2.16 -14.96 -31.50
C ARG B 11 2.30 -14.04 -32.74
N HIS B 12 1.56 -14.34 -33.82
CA HIS B 12 1.55 -13.48 -35.03
C HIS B 12 0.73 -12.18 -34.88
N SER B 13 -0.15 -12.10 -33.87
CA SER B 13 -0.88 -10.85 -33.57
C SER B 13 -0.12 -9.88 -32.64
N ARG B 14 1.06 -10.27 -32.15
CA ARG B 14 1.89 -9.40 -31.31
C ARG B 14 2.55 -8.33 -32.15
N SER B 15 2.65 -7.11 -31.64
CA SER B 15 3.30 -6.04 -32.38
C SER B 15 4.82 -6.01 -32.15
N GLY B 16 5.34 -6.99 -31.40
CA GLY B 16 6.79 -7.07 -31.10
C GLY B 16 7.36 -5.86 -30.40
N THR B 17 6.54 -5.17 -29.61
CA THR B 17 6.93 -3.91 -28.97
C THR B 17 6.34 -3.89 -27.59
N ILE B 18 7.15 -3.48 -26.61
CA ILE B 18 6.63 -3.22 -25.27
C ILE B 18 6.88 -1.75 -24.92
N GLY B 19 5.95 -1.15 -24.20
CA GLY B 19 6.09 0.22 -23.72
C GLY B 19 6.81 0.33 -22.39
N LEU B 20 7.67 1.34 -22.24
CA LEU B 20 8.30 1.66 -20.95
C LEU B 20 7.80 3.06 -20.59
N ILE B 21 6.98 3.13 -19.56
CA ILE B 21 6.36 4.36 -19.11
C ILE B 21 6.98 4.82 -17.81
N VAL B 22 7.60 5.99 -17.85
CA VAL B 22 8.28 6.50 -16.67
C VAL B 22 7.85 7.92 -16.40
N PRO B 23 8.02 8.39 -15.16
CA PRO B 23 7.70 9.78 -14.84
C PRO B 23 8.54 10.75 -15.66
N ASP B 24 9.83 10.47 -15.83
CA ASP B 24 10.68 11.25 -16.76
C ASP B 24 12.04 10.58 -17.02
N VAL B 25 12.59 10.88 -18.18
CA VAL B 25 13.86 10.27 -18.59
C VAL B 25 15.06 10.85 -17.84
N ASN B 26 14.84 11.95 -17.13
CA ASN B 26 15.82 12.48 -16.20
C ASN B 26 15.95 11.78 -14.88
N ASN B 27 15.06 10.84 -14.56
CA ASN B 27 15.10 10.13 -13.26
C ASN B 27 16.43 9.41 -13.07
N ALA B 28 16.89 9.33 -11.82
CA ALA B 28 18.16 8.69 -11.50
C ALA B 28 18.23 7.23 -11.96
N VAL B 29 17.12 6.53 -11.84
CA VAL B 29 17.09 5.13 -12.15
C VAL B 29 16.89 4.84 -13.64
N PHE B 30 16.54 5.84 -14.43
CA PHE B 30 16.14 5.60 -15.80
C PHE B 30 17.24 4.90 -16.63
N ALA B 31 18.44 5.45 -16.66
CA ALA B 31 19.53 4.92 -17.45
C ALA B 31 19.81 3.44 -17.21
N ASP B 32 20.07 3.04 -15.95
CA ASP B 32 20.34 1.62 -15.69
C ASP B 32 19.06 0.73 -15.92
N MET B 33 17.89 1.22 -15.53
CA MET B 33 16.66 0.47 -15.73
C MET B 33 16.43 0.25 -17.24
N PHE B 34 16.53 1.32 -18.02
CA PHE B 34 16.37 1.20 -19.49
C PHE B 34 17.35 0.20 -20.12
N SER B 35 18.62 0.32 -19.73
CA SER B 35 19.65 -0.58 -20.22
C SER B 35 19.27 -2.07 -19.98
N GLY B 36 18.67 -2.37 -18.83
CA GLY B 36 18.20 -3.75 -18.57
C GLY B 36 16.94 -4.10 -19.38
N VAL B 37 16.00 -3.19 -19.48
CA VAL B 37 14.82 -3.39 -20.32
C VAL B 37 15.24 -3.66 -21.79
N GLN B 38 16.15 -2.83 -22.30
CA GLN B 38 16.66 -2.92 -23.67
C GLN B 38 17.39 -4.22 -23.97
N MET B 39 18.22 -4.70 -23.05
CA MET B 39 18.87 -5.98 -23.29
C MET B 39 17.93 -7.22 -23.24
N ALA B 40 16.90 -7.22 -22.39
CA ALA B 40 15.92 -8.29 -22.42
C ALA B 40 15.13 -8.24 -23.73
N ALA B 41 14.57 -7.08 -24.05
CA ALA B 41 13.74 -6.92 -25.23
C ALA B 41 14.46 -7.31 -26.55
N SER B 42 15.71 -6.89 -26.69
CA SER B 42 16.50 -7.22 -27.88
C SER B 42 16.85 -8.70 -27.96
N GLY B 43 17.01 -9.34 -26.80
CA GLY B 43 17.12 -10.78 -26.69
C GLY B 43 15.91 -11.50 -27.27
N HIS B 44 14.75 -10.85 -27.27
CA HIS B 44 13.51 -11.44 -27.75
C HIS B 44 12.95 -10.74 -28.95
N SER B 45 13.84 -10.03 -29.66
CA SER B 45 13.50 -9.30 -30.87
C SER B 45 12.27 -8.44 -30.67
N THR B 46 12.27 -7.69 -29.57
CA THR B 46 11.16 -6.83 -29.23
C THR B 46 11.72 -5.42 -29.10
N ASP B 47 10.99 -4.46 -29.66
CA ASP B 47 11.36 -3.06 -29.52
C ASP B 47 10.80 -2.49 -28.22
N VAL B 48 11.39 -1.39 -27.78
CA VAL B 48 10.87 -0.65 -26.66
C VAL B 48 10.38 0.73 -27.08
N LEU B 49 9.14 1.03 -26.70
CA LEU B 49 8.52 2.33 -26.93
C LEU B 49 8.53 3.08 -25.63
N LEU B 50 9.12 4.28 -25.62
CA LEU B 50 9.23 5.07 -24.40
C LEU B 50 8.13 6.09 -24.35
N GLY B 51 7.60 6.31 -23.15
CA GLY B 51 6.47 7.19 -22.97
C GLY B 51 6.26 7.57 -21.52
N GLN B 52 5.28 8.46 -21.32
CA GLN B 52 4.93 9.04 -20.03
C GLN B 52 3.43 9.16 -20.00
N ILE B 53 2.86 9.25 -18.80
CA ILE B 53 1.42 9.46 -18.65
C ILE B 53 1.05 10.57 -17.65
N ASP B 54 -0.12 11.16 -17.86
CA ASP B 54 -0.71 12.10 -16.94
C ASP B 54 -1.62 11.37 -15.95
N ALA B 55 -2.07 12.10 -14.93
CA ALA B 55 -3.01 11.61 -13.97
C ALA B 55 -4.26 11.10 -14.71
N PRO B 56 -4.95 10.06 -14.16
CA PRO B 56 -6.21 9.65 -14.79
C PRO B 56 -7.27 10.70 -14.58
N PRO B 57 -8.32 10.67 -15.40
CA PRO B 57 -8.60 9.72 -16.46
C PRO B 57 -7.71 9.81 -17.73
N ARG B 58 -7.00 10.93 -17.91
CA ARG B 58 -6.16 11.15 -19.10
C ARG B 58 -5.15 10.00 -19.27
N GLY B 59 -4.46 9.64 -18.20
CA GLY B 59 -3.47 8.55 -18.24
C GLY B 59 -4.10 7.20 -18.52
N THR B 60 -5.32 6.99 -18.01
CA THR B 60 -6.06 5.78 -18.33
C THR B 60 -6.27 5.65 -19.86
N GLN B 61 -6.76 6.74 -20.47
CA GLN B 61 -6.90 6.82 -21.92
C GLN B 61 -5.60 6.55 -22.60
N GLN B 62 -4.53 7.19 -22.12
CA GLN B 62 -3.24 7.07 -22.77
C GLN B 62 -2.73 5.64 -22.79
N LEU B 63 -2.83 4.92 -21.68
CA LEU B 63 -2.34 3.54 -21.67
C LEU B 63 -3.28 2.65 -22.42
N SER B 64 -4.57 2.88 -22.27
CA SER B 64 -5.58 2.05 -22.92
C SER B 64 -5.37 2.07 -24.44
N ARG B 65 -5.23 3.26 -25.00
CA ARG B 65 -4.96 3.44 -26.41
C ARG B 65 -3.66 2.84 -26.92
N LEU B 66 -2.56 2.93 -26.15
CA LEU B 66 -1.32 2.29 -26.61
C LEU B 66 -1.54 0.80 -26.95
N VAL B 67 -2.32 0.13 -26.10
CA VAL B 67 -2.56 -1.29 -26.25
C VAL B 67 -3.73 -1.58 -27.21
N SER B 68 -4.81 -0.83 -27.13
CA SER B 68 -5.96 -1.10 -28.01
C SER B 68 -5.72 -0.68 -29.47
N GLU B 69 -4.85 0.30 -29.71
CA GLU B 69 -4.44 0.64 -31.09
C GLU B 69 -3.28 -0.25 -31.61
N GLY B 70 -2.90 -1.25 -30.81
CA GLY B 70 -1.83 -2.18 -31.19
C GLY B 70 -0.43 -1.55 -31.26
N ARG B 71 -0.20 -0.50 -30.48
CA ARG B 71 1.11 0.16 -30.49
C ARG B 71 2.09 -0.57 -29.59
N VAL B 72 1.60 -1.17 -28.51
CA VAL B 72 2.42 -2.03 -27.66
C VAL B 72 1.61 -3.25 -27.29
N ASP B 73 2.30 -4.32 -26.95
CA ASP B 73 1.70 -5.53 -26.43
C ASP B 73 1.48 -5.46 -24.92
N GLY B 74 2.30 -4.68 -24.24
CA GLY B 74 2.16 -4.53 -22.79
C GLY B 74 3.07 -3.42 -22.33
N VAL B 75 2.98 -3.08 -21.05
CA VAL B 75 3.63 -1.91 -20.52
C VAL B 75 4.43 -2.24 -19.27
N LEU B 76 5.65 -1.71 -19.17
CA LEU B 76 6.34 -1.59 -17.91
C LEU B 76 6.08 -0.19 -17.41
N LEU B 77 5.66 -0.05 -16.15
CA LEU B 77 5.35 1.28 -15.64
C LEU B 77 5.90 1.57 -14.23
N GLN B 78 6.56 2.70 -14.12
CA GLN B 78 7.08 3.19 -12.86
C GLN B 78 6.12 4.25 -12.32
N ARG B 79 5.57 4.00 -11.15
CA ARG B 79 4.73 4.96 -10.46
C ARG B 79 5.38 6.33 -10.33
N ARG B 80 4.64 7.36 -10.78
CA ARG B 80 4.99 8.73 -10.49
C ARG B 80 4.83 9.02 -9.00
N GLU B 81 5.62 9.94 -8.47
CA GLU B 81 5.60 10.13 -7.02
C GLU B 81 4.37 10.87 -6.51
N ASP B 82 3.57 11.40 -7.44
CA ASP B 82 2.30 12.02 -7.10
C ASP B 82 1.12 11.13 -7.50
N PHE B 83 1.32 9.85 -7.76
CA PHE B 83 0.20 8.96 -8.02
C PHE B 83 -0.10 8.18 -6.77
N ASP B 84 -1.28 8.36 -6.16
CA ASP B 84 -1.72 7.46 -5.10
C ASP B 84 -2.15 6.13 -5.69
N ASP B 85 -2.45 5.16 -4.80
CA ASP B 85 -2.84 3.83 -5.22
C ASP B 85 -4.12 3.84 -6.04
N ASP B 86 -5.09 4.70 -5.72
CA ASP B 86 -6.34 4.81 -6.52
C ASP B 86 -5.99 5.17 -7.99
N MET B 87 -5.10 6.15 -8.18
CA MET B 87 -4.71 6.65 -9.51
C MET B 87 -3.93 5.58 -10.28
N LEU B 88 -3.07 4.85 -9.58
CA LEU B 88 -2.25 3.85 -10.23
C LEU B 88 -3.11 2.65 -10.67
N ALA B 89 -4.06 2.23 -9.82
CA ALA B 89 -4.94 1.12 -10.14
C ALA B 89 -5.81 1.50 -11.32
N ALA B 90 -6.25 2.76 -11.34
CA ALA B 90 -7.16 3.22 -12.39
C ALA B 90 -6.53 3.15 -13.80
N VAL B 91 -5.29 3.62 -13.96
CA VAL B 91 -4.68 3.59 -15.28
C VAL B 91 -4.32 2.19 -15.71
N LEU B 92 -4.07 1.28 -14.77
CA LEU B 92 -3.64 -0.06 -15.12
C LEU B 92 -4.75 -1.04 -15.44
N GLU B 93 -5.98 -0.72 -15.05
CA GLU B 93 -7.11 -1.65 -15.24
C GLU B 93 -7.29 -2.10 -16.71
N GLY B 94 -7.14 -3.40 -16.94
CA GLY B 94 -7.46 -3.99 -18.26
C GLY B 94 -6.29 -3.89 -19.23
N VAL B 95 -5.13 -3.46 -18.74
CA VAL B 95 -3.89 -3.31 -19.52
C VAL B 95 -2.87 -4.34 -19.01
N PRO B 96 -2.26 -5.12 -19.92
CA PRO B 96 -1.18 -6.02 -19.47
C PRO B 96 0.06 -5.23 -19.05
N ALA B 97 0.38 -5.28 -17.78
CA ALA B 97 1.28 -4.33 -17.20
C ALA B 97 2.05 -4.97 -16.09
N VAL B 98 3.34 -4.65 -16.03
CA VAL B 98 4.17 -4.90 -14.87
C VAL B 98 4.67 -3.57 -14.28
N THR B 99 4.35 -3.28 -13.03
CA THR B 99 4.90 -2.10 -12.37
C THR B 99 6.36 -2.32 -12.02
N ILE B 100 7.18 -1.30 -12.22
CA ILE B 100 8.61 -1.42 -12.04
C ILE B 100 9.06 -0.40 -10.96
N ASN B 101 9.80 -0.91 -9.97
CA ASN B 101 10.31 -0.06 -8.88
C ASN B 101 9.16 0.61 -8.15
N SER B 102 8.02 -0.10 -8.16
CA SER B 102 6.77 0.24 -7.51
C SER B 102 5.79 -0.90 -7.74
N ARG B 103 4.77 -0.90 -6.88
CA ARG B 103 3.75 -1.95 -6.78
C ARG B 103 2.45 -1.22 -6.35
N VAL B 104 1.31 -1.76 -6.69
CA VAL B 104 0.04 -1.34 -6.12
C VAL B 104 -0.63 -2.52 -5.45
N PRO B 105 -1.08 -2.35 -4.18
CA PRO B 105 -1.73 -3.54 -3.58
C PRO B 105 -3.07 -3.83 -4.27
N GLY B 106 -3.44 -5.09 -4.33
CA GLY B 106 -4.73 -5.49 -4.92
C GLY B 106 -4.65 -5.84 -6.39
N ARG B 107 -3.45 -5.75 -6.99
CA ARG B 107 -3.19 -6.34 -8.31
C ARG B 107 -1.88 -7.12 -8.31
N VAL B 108 -1.71 -7.94 -9.34
CA VAL B 108 -0.52 -8.76 -9.51
C VAL B 108 0.18 -8.33 -10.76
N GLY B 109 1.51 -8.21 -10.71
CA GLY B 109 2.34 -7.88 -11.88
C GLY B 109 3.30 -6.75 -11.49
N SER B 110 4.39 -7.10 -10.84
CA SER B 110 5.36 -6.07 -10.45
C SER B 110 6.72 -6.64 -10.13
N VAL B 111 7.73 -5.77 -10.28
CA VAL B 111 9.08 -6.10 -9.89
C VAL B 111 9.62 -4.90 -9.13
N ILE B 112 10.06 -5.12 -7.89
CA ILE B 112 10.53 -4.09 -7.01
C ILE B 112 11.91 -4.46 -6.58
N LEU B 113 12.62 -3.47 -6.03
CA LEU B 113 13.96 -3.64 -5.50
C LEU B 113 13.86 -4.01 -4.03
N ASP B 114 14.96 -4.46 -3.45
CA ASP B 114 14.98 -4.84 -2.04
C ASP B 114 15.16 -3.56 -1.22
N ASP B 115 14.08 -2.80 -1.15
CA ASP B 115 14.15 -1.42 -0.69
C ASP B 115 14.47 -1.30 0.85
N GLN B 116 13.93 -2.22 1.62
CA GLN B 116 14.12 -2.29 3.07
C GLN B 116 15.57 -2.54 3.39
N LYS B 117 16.16 -3.49 2.69
CA LYS B 117 17.55 -3.81 2.84
C LYS B 117 18.52 -2.67 2.38
N GLY B 118 18.18 -1.93 1.34
CA GLY B 118 19.00 -0.78 0.93
C GLY B 118 18.98 0.31 2.01
N GLY B 119 17.80 0.55 2.56
CA GLY B 119 17.63 1.52 3.62
C GLY B 119 18.41 1.14 4.85
N GLY B 120 18.47 -0.15 5.13
CA GLY B 120 19.17 -0.70 6.29
C GLY B 120 20.66 -0.69 6.15
N ILE B 121 21.17 -1.05 4.98
CA ILE B 121 22.59 -0.94 4.73
C ILE B 121 23.08 0.51 4.83
N ALA B 122 22.29 1.48 4.34
CA ALA B 122 22.67 2.88 4.46
C ALA B 122 22.74 3.31 5.92
N THR B 123 21.72 2.94 6.72
CA THR B 123 21.61 3.37 8.10
C THR B 123 22.69 2.67 8.95
N GLU B 124 22.92 1.39 8.67
CA GLU B 124 23.84 0.60 9.47
C GLU B 124 25.28 1.08 9.27
N HIS B 125 25.62 1.58 8.06
CA HIS B 125 26.90 2.23 7.83
C HIS B 125 27.10 3.45 8.72
N LEU B 126 26.08 4.27 8.86
CA LEU B 126 26.14 5.41 9.72
C LEU B 126 26.25 4.97 11.21
N ILE B 127 25.54 3.92 11.60
CA ILE B 127 25.66 3.37 12.96
C ILE B 127 27.06 2.79 13.26
N THR B 128 27.65 2.09 12.30
CA THR B 128 29.02 1.61 12.45
C THR B 128 30.05 2.73 12.65
N LEU B 129 29.80 3.93 12.08
CA LEU B 129 30.70 5.09 12.27
C LEU B 129 30.53 5.87 13.60
N GLY B 130 29.49 5.58 14.38
CA GLY B 130 29.29 6.24 15.67
C GLY B 130 28.06 7.13 15.72
N HIS B 131 27.25 7.21 14.65
CA HIS B 131 26.07 8.05 14.68
C HIS B 131 24.97 7.40 15.49
N SER B 132 24.37 8.22 16.35
CA SER B 132 23.22 7.85 17.15
C SER B 132 21.95 8.55 16.70
N ARG B 133 22.09 9.75 16.16
CA ARG B 133 20.98 10.58 15.84
C ARG B 133 20.97 10.75 14.29
N ILE B 134 20.14 9.92 13.63
CA ILE B 134 20.15 9.78 12.18
C ILE B 134 18.78 10.14 11.60
N ALA B 135 18.76 11.11 10.68
CA ALA B 135 17.54 11.59 10.04
C ALA B 135 17.34 10.84 8.72
N PHE B 136 16.15 10.96 8.17
CA PHE B 136 15.75 10.28 6.94
C PHE B 136 14.93 11.23 6.06
N ILE B 137 15.43 11.47 4.85
CA ILE B 137 14.71 12.31 3.89
C ILE B 137 14.15 11.32 2.85
N SER B 138 12.86 11.03 2.96
CA SER B 138 12.22 10.04 2.14
C SER B 138 11.80 10.59 0.79
N GLY B 139 11.24 9.72 -0.06
CA GLY B 139 10.42 10.15 -1.20
C GLY B 139 9.10 10.67 -0.70
N THR B 140 8.09 10.70 -1.55
CA THR B 140 6.79 11.14 -1.13
C THR B 140 6.10 10.11 -0.23
N ALA B 141 5.14 10.59 0.54
CA ALA B 141 4.38 9.74 1.44
C ALA B 141 3.67 8.66 0.68
N ILE B 142 3.35 8.93 -0.59
CA ILE B 142 2.52 7.98 -1.34
C ILE B 142 3.29 7.01 -2.19
N HIS B 143 4.60 7.20 -2.30
CA HIS B 143 5.39 6.24 -3.06
C HIS B 143 5.79 5.06 -2.18
N ASP B 144 5.38 3.85 -2.57
CA ASP B 144 5.65 2.65 -1.79
C ASP B 144 7.09 2.35 -1.64
N THR B 145 7.87 2.67 -2.68
CA THR B 145 9.29 2.43 -2.67
C THR B 145 9.96 3.30 -1.59
N ALA B 146 9.47 4.53 -1.42
CA ALA B 146 9.99 5.41 -0.36
C ALA B 146 9.67 4.84 1.02
N GLN B 147 8.40 4.43 1.20
CA GLN B 147 7.99 3.84 2.46
C GLN B 147 8.79 2.58 2.77
N ARG B 148 9.01 1.70 1.80
CA ARG B 148 9.86 0.53 2.03
C ARG B 148 11.26 0.90 2.54
N ARG B 149 11.88 1.89 1.93
CA ARG B 149 13.23 2.30 2.33
C ARG B 149 13.21 2.93 3.71
N LYS B 150 12.17 3.69 4.01
CA LYS B 150 12.02 4.31 5.30
C LYS B 150 11.90 3.25 6.41
N GLU B 151 11.10 2.23 6.16
CA GLU B 151 10.96 1.10 7.06
C GLU B 151 12.25 0.37 7.35
N GLY B 152 13.08 0.17 6.33
CA GLY B 152 14.40 -0.43 6.51
C GLY B 152 15.26 0.42 7.43
N TYR B 153 15.22 1.72 7.25
CA TYR B 153 15.87 2.67 8.15
C TYR B 153 15.32 2.48 9.62
N LEU B 154 14.00 2.53 9.81
CA LEU B 154 13.35 2.41 11.14
C LEU B 154 13.65 1.07 11.83
N GLU B 155 13.45 -0.05 11.13
CA GLU B 155 13.89 -1.34 11.63
C GLU B 155 15.37 -1.35 12.04
N THR B 156 16.26 -0.78 11.24
CA THR B 156 17.68 -0.80 11.59
C THR B 156 17.97 0.01 12.88
N LEU B 157 17.33 1.17 13.01
CA LEU B 157 17.48 1.97 14.21
C LEU B 157 16.93 1.19 15.40
N ALA B 158 15.74 0.57 15.26
CA ALA B 158 15.16 -0.19 16.38
C ALA B 158 16.06 -1.32 16.87
N SER B 159 16.51 -2.16 15.94
CA SER B 159 17.34 -3.30 16.30
C SER B 159 18.71 -2.91 16.87
N ALA B 160 19.14 -1.66 16.65
CA ALA B 160 20.39 -1.15 17.24
C ALA B 160 20.15 -0.49 18.60
N GLY B 161 18.90 -0.47 19.05
CA GLY B 161 18.52 0.17 20.31
C GLY B 161 18.61 1.69 20.19
N LEU B 162 18.53 2.21 18.96
CA LEU B 162 18.60 3.66 18.72
C LEU B 162 17.19 4.15 18.56
N ARG B 163 16.97 5.43 18.79
CA ARG B 163 15.64 6.00 18.62
C ARG B 163 15.56 6.89 17.38
N SER B 164 14.38 6.97 16.78
CA SER B 164 14.09 8.08 15.87
C SER B 164 12.95 8.88 16.44
N GLU B 165 12.97 10.15 16.10
CA GLU B 165 11.86 11.04 16.33
C GLU B 165 11.25 11.39 14.97
N ALA B 166 9.97 11.75 15.05
CA ALA B 166 9.15 12.15 13.94
C ALA B 166 9.75 13.37 13.23
N ALA B 167 10.31 14.26 14.05
CA ALA B 167 11.09 15.41 13.61
C ALA B 167 12.18 15.07 12.57
N TRP B 168 12.87 13.96 12.77
CA TRP B 168 13.97 13.61 11.94
C TRP B 168 13.60 12.91 10.63
N VAL B 169 12.30 12.71 10.38
CA VAL B 169 11.84 11.94 9.21
C VAL B 169 10.96 12.89 8.41
N VAL B 170 11.38 13.19 7.18
CA VAL B 170 10.64 14.09 6.32
C VAL B 170 10.27 13.33 5.04
N ASP B 171 8.99 13.38 4.66
CA ASP B 171 8.57 12.91 3.34
C ASP B 171 8.93 14.07 2.41
N ALA B 172 9.59 13.81 1.30
CA ALA B 172 10.09 14.88 0.44
C ALA B 172 9.79 14.45 -1.01
N GLY B 173 10.74 13.74 -1.62
CA GLY B 173 10.61 13.33 -3.01
C GLY B 173 11.91 12.74 -3.52
N TRP B 174 11.94 12.37 -4.79
CA TRP B 174 13.14 11.73 -5.35
C TRP B 174 14.19 12.75 -5.86
N GLU B 175 13.75 13.97 -6.15
CA GLU B 175 14.54 14.89 -6.89
C GLU B 175 15.28 15.90 -6.05
N ALA B 176 16.17 16.64 -6.71
CA ALA B 176 17.14 17.48 -5.98
C ALA B 176 16.47 18.61 -5.21
N ASP B 177 15.46 19.23 -5.80
CA ASP B 177 14.73 20.30 -5.17
C ASP B 177 13.99 19.83 -3.90
N ALA B 178 13.44 18.64 -3.98
CA ALA B 178 12.72 18.08 -2.86
C ALA B 178 13.77 17.76 -1.76
N GLY B 179 14.91 17.24 -2.18
CA GLY B 179 15.99 16.91 -1.31
C GLY B 179 16.50 18.13 -0.56
N SER B 180 16.62 19.23 -1.32
CA SER B 180 17.14 20.49 -0.80
C SER B 180 16.20 21.09 0.22
N ALA B 181 14.92 21.07 -0.12
CA ALA B 181 13.92 21.65 0.74
C ALA B 181 13.83 20.85 2.06
N ALA B 182 13.98 19.52 1.98
CA ALA B 182 13.88 18.68 3.14
C ALA B 182 15.09 18.91 4.09
N LEU B 183 16.26 19.09 3.51
CA LEU B 183 17.47 19.28 4.26
C LEU B 183 17.36 20.60 5.01
N ASN B 184 16.91 21.64 4.31
CA ASN B 184 16.63 22.93 4.90
C ASN B 184 15.68 22.85 6.08
N THR B 185 14.58 22.13 5.90
CA THR B 185 13.63 21.90 6.98
C THR B 185 14.24 21.20 8.20
N LEU B 186 15.05 20.18 7.98
CA LEU B 186 15.71 19.48 9.08
C LEU B 186 16.75 20.36 9.80
N TYR B 187 17.45 21.18 9.00
CA TYR B 187 18.40 22.16 9.49
C TYR B 187 17.71 23.18 10.36
N ARG B 188 16.69 23.85 9.84
CA ARG B 188 16.04 24.95 10.54
C ARG B 188 15.09 24.44 11.66
N GLY B 189 14.53 23.25 11.49
CA GLY B 189 13.51 22.76 12.38
C GLY B 189 13.89 21.61 13.27
N ALA B 190 15.00 20.92 12.98
CA ALA B 190 15.41 19.80 13.83
C ALA B 190 16.89 19.90 14.25
N ASN B 191 17.51 21.03 13.99
CA ASN B 191 18.94 21.25 14.25
C ASN B 191 19.85 20.21 13.63
N LEU B 192 19.46 19.69 12.48
CA LEU B 192 20.35 18.84 11.70
C LEU B 192 21.70 19.54 11.46
N GLY B 193 22.77 18.84 11.80
CA GLY B 193 24.12 19.40 11.62
C GLY B 193 24.58 20.41 12.67
N LYS B 194 23.77 20.60 13.71
CA LYS B 194 24.08 21.55 14.78
C LYS B 194 24.11 20.77 16.07
N PRO B 195 24.57 21.39 17.20
CA PRO B 195 24.90 20.65 18.44
C PRO B 195 23.78 19.78 19.02
N ASP B 196 22.54 20.26 18.93
CA ASP B 196 21.42 19.51 19.47
C ASP B 196 20.94 18.29 18.63
N GLY B 197 21.19 18.32 17.32
CA GLY B 197 20.41 17.50 16.39
C GLY B 197 21.00 16.27 15.74
N PRO B 198 20.29 15.74 14.73
CA PRO B 198 20.88 14.64 14.02
C PRO B 198 22.24 15.02 13.41
N THR B 199 23.15 14.06 13.40
CA THR B 199 24.48 14.26 12.92
C THR B 199 24.65 13.58 11.55
N ALA B 200 23.67 12.77 11.15
CA ALA B 200 23.69 12.13 9.82
C ALA B 200 22.29 12.05 9.21
N VAL B 201 22.24 11.93 7.89
CA VAL B 201 20.98 11.81 7.17
C VAL B 201 21.09 10.77 6.06
N VAL B 202 20.10 9.85 6.03
CA VAL B 202 19.88 8.91 4.93
C VAL B 202 18.84 9.52 3.97
N VAL B 203 19.16 9.57 2.68
CA VAL B 203 18.30 10.17 1.67
C VAL B 203 17.84 9.06 0.70
N ALA B 204 16.54 8.89 0.60
CA ALA B 204 15.94 7.72 -0.05
C ALA B 204 16.25 7.56 -1.52
N SER B 205 16.52 8.64 -2.24
CA SER B 205 17.04 8.53 -3.58
C SER B 205 18.15 9.53 -3.84
N VAL B 206 18.99 9.18 -4.79
CA VAL B 206 20.26 9.87 -4.99
C VAL B 206 20.15 11.31 -5.53
N ASN B 207 19.19 11.61 -6.40
CA ASN B 207 19.10 12.97 -6.83
C ASN B 207 18.69 13.89 -5.66
N ALA B 208 17.75 13.45 -4.85
CA ALA B 208 17.43 14.17 -3.62
C ALA B 208 18.64 14.33 -2.75
N ALA B 209 19.47 13.30 -2.66
CA ALA B 209 20.72 13.29 -1.92
C ALA B 209 21.71 14.32 -2.44
N VAL B 210 21.80 14.45 -3.75
CA VAL B 210 22.62 15.49 -4.35
C VAL B 210 22.10 16.87 -4.01
N GLY B 211 20.80 17.06 -4.03
CA GLY B 211 20.26 18.33 -3.59
C GLY B 211 20.52 18.63 -2.10
N ALA B 212 20.36 17.64 -1.24
CA ALA B 212 20.67 17.77 0.19
C ALA B 212 22.14 18.22 0.46
N LEU B 213 23.07 17.58 -0.20
CA LEU B 213 24.48 17.84 -0.07
C LEU B 213 24.77 19.27 -0.45
N SER B 214 24.26 19.68 -1.60
CA SER B 214 24.54 20.99 -2.10
C SER B 214 23.97 22.01 -1.13
N THR B 215 22.77 21.75 -0.67
CA THR B 215 22.12 22.64 0.30
C THR B 215 22.91 22.74 1.63
N ALA B 216 23.35 21.60 2.12
CA ALA B 216 24.15 21.50 3.33
C ALA B 216 25.43 22.36 3.19
N LEU B 217 26.12 22.26 2.06
CA LEU B 217 27.34 23.09 1.81
C LEU B 217 27.00 24.56 1.72
N ARG B 218 25.87 24.84 1.11
CA ARG B 218 25.43 26.22 0.95
C ARG B 218 25.03 26.92 2.31
N LEU B 219 24.49 26.15 3.26
CA LEU B 219 24.17 26.61 4.60
C LEU B 219 25.40 26.73 5.51
N GLY B 220 26.55 26.24 5.04
CA GLY B 220 27.84 26.38 5.73
C GLY B 220 28.16 25.13 6.54
N LEU B 221 27.40 24.04 6.35
CA LEU B 221 27.75 22.79 7.00
C LEU B 221 28.98 22.20 6.34
N ARG B 222 29.87 21.65 7.13
CA ARG B 222 31.01 20.98 6.54
C ARG B 222 30.56 19.54 6.36
N VAL B 223 30.82 18.98 5.17
CA VAL B 223 30.49 17.59 4.95
C VAL B 223 31.82 16.89 4.67
N PRO B 224 32.14 15.83 5.41
CA PRO B 224 31.34 15.12 6.41
C PRO B 224 31.41 15.57 7.89
N GLU B 225 32.23 16.58 8.24
CA GLU B 225 32.53 16.90 9.65
C GLU B 225 31.28 17.23 10.45
N ASP B 226 30.44 18.13 9.95
CA ASP B 226 29.21 18.53 10.64
C ASP B 226 28.04 17.58 10.32
N LEU B 227 28.06 16.93 9.14
CA LEU B 227 26.93 16.12 8.69
C LEU B 227 27.37 15.01 7.76
N SER B 228 27.06 13.76 8.10
CA SER B 228 27.27 12.65 7.20
C SER B 228 26.02 12.44 6.32
N ILE B 229 26.20 12.08 5.04
CA ILE B 229 25.08 11.91 4.11
C ILE B 229 25.26 10.62 3.32
N VAL B 230 24.23 9.77 3.30
CA VAL B 230 24.21 8.56 2.48
C VAL B 230 22.96 8.63 1.61
N GLY B 231 23.11 8.43 0.30
CA GLY B 231 21.98 8.34 -0.62
C GLY B 231 21.77 6.93 -1.09
N ILE B 232 20.55 6.61 -1.47
CA ILE B 232 20.23 5.29 -1.96
C ILE B 232 20.11 5.39 -3.48
N ASN B 233 20.69 4.40 -4.14
CA ASN B 233 21.04 4.45 -5.57
C ASN B 233 22.27 5.34 -5.84
N THR B 234 22.87 5.08 -6.98
CA THR B 234 24.13 5.66 -7.37
C THR B 234 24.07 6.02 -8.86
N THR B 235 24.71 7.14 -9.20
CA THR B 235 24.80 7.59 -10.57
C THR B 235 26.16 8.26 -10.72
N TRP B 236 26.48 8.56 -11.95
CA TRP B 236 27.66 9.33 -12.25
C TRP B 236 27.67 10.63 -11.44
N VAL B 237 26.53 11.24 -11.22
CA VAL B 237 26.47 12.49 -10.53
C VAL B 237 26.95 12.33 -9.06
N SER B 238 26.41 11.33 -8.36
CA SER B 238 26.80 11.08 -6.97
C SER B 238 28.31 10.78 -6.87
N ASP B 239 28.84 10.07 -7.86
CA ASP B 239 30.27 9.68 -7.87
C ASP B 239 31.18 10.85 -8.24
N THR B 240 30.64 11.86 -8.94
CA THR B 240 31.43 12.93 -9.51
C THR B 240 31.56 14.12 -8.60
N VAL B 241 30.46 14.53 -7.97
CA VAL B 241 30.50 15.72 -7.13
C VAL B 241 31.59 15.65 -6.06
N TYR B 242 32.00 16.84 -5.62
CA TYR B 242 32.99 16.95 -4.56
C TYR B 242 32.38 17.65 -3.34
N PRO B 243 32.35 16.98 -2.17
CA PRO B 243 32.76 15.60 -1.90
C PRO B 243 31.80 14.58 -2.55
N ALA B 244 32.34 13.44 -2.95
CA ALA B 244 31.58 12.38 -3.61
C ALA B 244 30.62 11.72 -2.63
N LEU B 245 29.36 11.51 -3.06
CA LEU B 245 28.35 10.97 -2.16
C LEU B 245 28.52 9.51 -1.91
N THR B 246 28.57 9.13 -0.64
CA THR B 246 28.43 7.74 -0.25
C THR B 246 27.01 7.32 -0.62
N THR B 247 26.88 6.15 -1.21
CA THR B 247 25.60 5.71 -1.74
C THR B 247 25.48 4.23 -1.60
N VAL B 248 24.25 3.75 -1.75
CA VAL B 248 24.00 2.31 -1.74
C VAL B 248 23.47 1.93 -3.10
N ARG B 249 24.18 1.03 -3.78
CA ARG B 249 23.85 0.67 -5.11
C ARG B 249 22.88 -0.50 -5.14
N LEU B 250 21.83 -0.34 -5.93
CA LEU B 250 20.79 -1.34 -6.11
C LEU B 250 20.86 -1.82 -7.55
N PRO B 251 20.40 -3.03 -7.85
CA PRO B 251 20.57 -3.62 -9.15
C PRO B 251 19.48 -3.19 -10.12
N LEU B 252 19.58 -1.95 -10.57
CA LEU B 252 18.57 -1.37 -11.43
C LEU B 252 18.55 -2.02 -12.82
N GLN B 253 19.70 -2.45 -13.31
CA GLN B 253 19.76 -3.03 -14.67
C GLN B 253 19.03 -4.35 -14.63
N ARG B 254 19.37 -5.15 -13.63
CA ARG B 254 18.72 -6.42 -13.39
C ARG B 254 17.21 -6.26 -13.26
N LEU B 255 16.79 -5.26 -12.50
CA LEU B 255 15.39 -4.94 -12.33
C LEU B 255 14.68 -4.71 -13.69
N GLY B 256 15.25 -3.90 -14.55
CA GLY B 256 14.76 -3.75 -15.94
C GLY B 256 14.66 -5.05 -16.73
N GLU B 257 15.72 -5.85 -16.76
CA GLU B 257 15.71 -7.15 -17.39
C GLU B 257 14.61 -8.05 -16.87
N VAL B 258 14.49 -8.15 -15.55
CA VAL B 258 13.56 -9.11 -14.96
C VAL B 258 12.12 -8.67 -15.25
N ALA B 259 11.86 -7.37 -15.18
CA ALA B 259 10.51 -6.88 -15.38
C ALA B 259 10.15 -7.03 -16.86
N ALA B 260 11.09 -6.72 -17.77
CA ALA B 260 10.84 -6.97 -19.20
C ALA B 260 10.53 -8.44 -19.45
N ASP B 261 11.31 -9.33 -18.81
CA ASP B 261 11.13 -10.78 -18.96
C ASP B 261 9.79 -11.29 -18.42
N VAL B 262 9.35 -10.77 -17.25
CA VAL B 262 8.05 -11.15 -16.69
C VAL B 262 6.92 -10.68 -17.60
N LEU B 263 7.04 -9.49 -18.15
CA LEU B 263 6.04 -8.99 -19.07
C LEU B 263 5.97 -9.83 -20.34
N MET B 264 7.12 -10.14 -20.94
CA MET B 264 7.14 -10.86 -22.23
C MET B 264 6.67 -12.31 -22.04
N GLU B 265 7.16 -13.00 -21.02
CA GLU B 265 6.64 -14.32 -20.59
C GLU B 265 5.12 -14.31 -20.43
N HIS B 266 4.58 -13.33 -19.72
CA HIS B 266 3.14 -13.20 -19.59
C HIS B 266 2.46 -13.06 -20.96
N LEU B 267 3.10 -12.32 -21.88
CA LEU B 267 2.54 -12.15 -23.22
C LEU B 267 2.53 -13.47 -23.97
N GLY B 268 3.43 -14.39 -23.61
CA GLY B 268 3.41 -15.75 -24.12
C GLY B 268 2.68 -16.76 -23.27
N GLY B 269 1.85 -16.28 -22.34
CA GLY B 269 0.88 -17.12 -21.64
C GLY B 269 1.13 -17.41 -20.18
N ARG B 270 2.23 -16.91 -19.62
CA ARG B 270 2.56 -17.21 -18.23
C ARG B 270 1.87 -16.20 -17.30
N ALA B 271 1.70 -16.61 -16.06
CA ALA B 271 1.04 -15.79 -15.06
C ALA B 271 1.98 -14.64 -14.66
N LEU B 272 1.38 -13.48 -14.37
CA LEU B 272 2.08 -12.34 -13.89
C LEU B 272 2.35 -12.59 -12.42
N THR B 273 3.50 -12.11 -11.96
CA THR B 273 3.97 -12.33 -10.61
C THR B 273 4.41 -11.01 -9.98
N ASP B 274 4.57 -11.04 -8.66
CA ASP B 274 5.05 -9.95 -7.84
C ASP B 274 6.33 -10.51 -7.24
N THR B 275 7.48 -10.00 -7.67
CA THR B 275 8.76 -10.48 -7.22
C THR B 275 9.65 -9.28 -6.87
N VAL B 276 10.76 -9.58 -6.23
CA VAL B 276 11.70 -8.61 -5.72
C VAL B 276 13.05 -9.06 -6.26
N VAL B 277 13.80 -8.12 -6.80
CA VAL B 277 15.13 -8.36 -7.21
C VAL B 277 15.99 -8.24 -5.98
N THR B 278 16.53 -9.39 -5.58
CA THR B 278 17.29 -9.52 -4.33
C THR B 278 18.73 -9.82 -4.55
N GLN B 279 19.12 -10.09 -5.80
CA GLN B 279 20.50 -10.35 -6.18
C GLN B 279 20.92 -9.54 -7.40
N PRO B 280 22.08 -8.86 -7.34
CA PRO B 280 22.99 -8.80 -6.20
C PRO B 280 22.40 -8.00 -5.05
N THR B 281 22.96 -8.18 -3.85
CA THR B 281 22.49 -7.50 -2.66
C THR B 281 22.92 -6.04 -2.74
N PRO B 282 22.34 -5.19 -1.89
CA PRO B 282 22.72 -3.80 -2.08
C PRO B 282 24.19 -3.56 -1.75
N GLU B 283 24.80 -2.61 -2.44
CA GLU B 283 26.23 -2.42 -2.28
C GLU B 283 26.52 -1.06 -1.70
N LEU B 284 27.07 -1.04 -0.49
CA LEU B 284 27.55 0.18 0.07
C LEU B 284 28.82 0.65 -0.68
N LEU B 285 28.78 1.85 -1.24
CA LEU B 285 29.91 2.48 -1.90
C LEU B 285 30.36 3.67 -1.03
N VAL B 286 31.42 3.44 -0.27
CA VAL B 286 31.99 4.46 0.59
C VAL B 286 32.72 5.48 -0.26
N ARG B 287 32.30 6.75 -0.18
CA ARG B 287 32.97 7.83 -0.89
C ARG B 287 33.45 8.83 0.20
N GLU B 288 33.00 10.10 0.16
CA GLU B 288 33.56 11.18 0.98
C GLU B 288 32.58 11.90 1.90
N THR B 289 31.33 11.44 1.98
CA THR B 289 30.33 12.17 2.74
C THR B 289 29.92 11.49 4.03
N THR B 290 30.65 10.47 4.44
CA THR B 290 30.39 9.85 5.71
C THR B 290 31.65 9.79 6.58
N ALA B 291 31.45 10.07 7.87
CA ALA B 291 32.50 9.94 8.87
C ALA B 291 31.87 9.90 10.26
N PRO B 292 32.68 9.66 11.30
CA PRO B 292 32.10 9.69 12.64
C PRO B 292 31.52 11.07 12.97
N PRO B 293 30.47 11.13 13.80
CA PRO B 293 30.03 12.47 14.18
C PRO B 293 31.10 13.23 14.98
N THR B 294 30.99 14.57 14.99
CA THR B 294 31.84 15.42 15.78
C THR B 294 30.94 16.38 16.53
N ALA C 9 6.02 -0.38 -44.53
CA ALA C 9 5.76 -1.19 -43.29
C ALA C 9 4.29 -1.22 -42.88
N LEU C 10 3.75 -2.42 -42.69
CA LEU C 10 2.39 -2.61 -42.22
C LEU C 10 2.40 -3.11 -40.79
N ARG C 11 1.70 -2.37 -39.93
CA ARG C 11 1.74 -2.64 -38.51
C ARG C 11 0.36 -2.71 -37.96
N HIS C 12 0.19 -3.48 -36.90
CA HIS C 12 -1.09 -3.55 -36.22
C HIS C 12 -1.56 -2.15 -35.87
N SER C 13 -0.59 -1.29 -35.58
CA SER C 13 -0.82 0.14 -35.35
C SER C 13 -1.40 0.94 -36.53
N ARG C 14 -1.20 0.45 -37.76
CA ARG C 14 -1.48 1.25 -38.96
C ARG C 14 -0.88 2.66 -38.86
N SER C 15 0.18 2.84 -38.06
CA SER C 15 0.73 4.18 -37.80
C SER C 15 2.23 4.21 -37.97
N GLY C 16 2.74 5.41 -38.15
CA GLY C 16 4.18 5.61 -38.28
C GLY C 16 4.96 5.30 -37.01
N THR C 17 6.21 4.90 -37.21
CA THR C 17 7.15 4.67 -36.15
C THR C 17 8.46 5.27 -36.62
N ILE C 18 9.14 6.01 -35.74
CA ILE C 18 10.49 6.44 -36.02
C ILE C 18 11.39 5.98 -34.88
N GLY C 19 12.62 5.67 -35.22
CA GLY C 19 13.58 5.18 -34.27
C GLY C 19 14.46 6.33 -33.82
N LEU C 20 14.59 6.52 -32.51
CA LEU C 20 15.53 7.49 -31.98
C LEU C 20 16.73 6.70 -31.48
N ILE C 21 17.87 6.95 -32.10
CA ILE C 21 19.06 6.18 -31.87
C ILE C 21 20.06 7.08 -31.16
N VAL C 22 20.46 6.66 -29.97
CA VAL C 22 21.23 7.52 -29.07
C VAL C 22 22.48 6.81 -28.57
N PRO C 23 23.60 7.54 -28.43
CA PRO C 23 24.79 6.91 -27.86
C PRO C 23 24.49 6.34 -26.48
N ASP C 24 23.80 7.11 -25.65
CA ASP C 24 23.41 6.65 -24.31
C ASP C 24 22.29 7.54 -23.80
N VAL C 25 21.46 7.03 -22.92
CA VAL C 25 20.37 7.85 -22.40
C VAL C 25 20.81 8.81 -21.28
N ASN C 26 22.03 8.62 -20.80
CA ASN C 26 22.63 9.45 -19.74
C ASN C 26 23.15 10.81 -20.20
N ASN C 27 23.38 10.99 -21.50
CA ASN C 27 23.93 12.26 -21.93
C ASN C 27 22.97 13.45 -21.67
N ALA C 28 23.55 14.64 -21.64
CA ALA C 28 22.91 15.84 -21.10
C ALA C 28 21.79 16.34 -21.96
N VAL C 29 21.92 16.12 -23.26
CA VAL C 29 20.94 16.65 -24.17
C VAL C 29 19.74 15.72 -24.35
N PHE C 30 19.90 14.45 -24.02
CA PHE C 30 18.86 13.44 -24.30
C PHE C 30 17.46 13.84 -23.84
N ALA C 31 17.33 14.25 -22.59
CA ALA C 31 16.02 14.49 -22.04
C ALA C 31 15.27 15.57 -22.82
N ASP C 32 15.92 16.71 -23.03
CA ASP C 32 15.24 17.81 -23.70
C ASP C 32 15.01 17.46 -25.18
N MET C 33 15.98 16.85 -25.83
CA MET C 33 15.80 16.43 -27.24
C MET C 33 14.71 15.39 -27.41
N PHE C 34 14.67 14.40 -26.51
CA PHE C 34 13.65 13.38 -26.59
C PHE C 34 12.26 14.02 -26.42
N SER C 35 12.17 14.98 -25.52
CA SER C 35 10.93 15.70 -25.27
C SER C 35 10.47 16.46 -26.57
N GLY C 36 11.42 17.00 -27.33
CA GLY C 36 11.11 17.58 -28.65
C GLY C 36 10.59 16.58 -29.69
N VAL C 37 11.31 15.49 -29.80
CA VAL C 37 11.04 14.42 -30.72
C VAL C 37 9.64 13.87 -30.46
N GLN C 38 9.34 13.57 -29.20
CA GLN C 38 8.08 12.98 -28.81
C GLN C 38 6.89 13.91 -29.09
N MET C 39 7.05 15.20 -28.78
CA MET C 39 6.07 16.22 -29.09
C MET C 39 5.76 16.26 -30.60
N ALA C 40 6.78 16.32 -31.45
CA ALA C 40 6.57 16.35 -32.89
C ALA C 40 5.86 15.09 -33.36
N ALA C 41 6.34 13.93 -32.91
CA ALA C 41 5.85 12.63 -33.32
C ALA C 41 4.37 12.48 -33.01
N SER C 42 4.01 12.79 -31.76
CA SER C 42 2.64 12.72 -31.31
C SER C 42 1.67 13.52 -32.17
N GLY C 43 2.14 14.66 -32.68
CA GLY C 43 1.38 15.47 -33.60
C GLY C 43 1.05 14.78 -34.91
N HIS C 44 1.90 13.86 -35.35
CA HIS C 44 1.63 13.05 -36.54
C HIS C 44 1.26 11.61 -36.13
N SER C 45 0.71 11.44 -34.93
CA SER C 45 0.45 10.14 -34.29
C SER C 45 1.49 9.04 -34.58
N THR C 46 2.76 9.41 -34.47
CA THR C 46 3.86 8.53 -34.79
C THR C 46 4.53 8.10 -33.48
N ASP C 47 4.82 6.80 -33.37
CA ASP C 47 5.51 6.27 -32.18
C ASP C 47 7.04 6.35 -32.28
N VAL C 48 7.69 6.52 -31.13
CA VAL C 48 9.14 6.58 -31.05
C VAL C 48 9.69 5.35 -30.35
N LEU C 49 10.53 4.61 -31.06
CA LEU C 49 11.24 3.46 -30.49
C LEU C 49 12.62 3.97 -30.20
N LEU C 50 13.14 3.63 -29.03
CA LEU C 50 14.40 4.17 -28.57
C LEU C 50 15.38 3.03 -28.63
N GLY C 51 16.52 3.27 -29.27
CA GLY C 51 17.54 2.23 -29.37
C GLY C 51 18.94 2.75 -29.50
N GLN C 52 19.88 1.84 -29.76
CA GLN C 52 21.32 2.17 -29.87
C GLN C 52 21.98 1.24 -30.88
N ILE C 53 23.05 1.72 -31.50
CA ILE C 53 23.81 0.97 -32.51
C ILE C 53 25.26 0.81 -32.07
N ASP C 54 25.90 -0.26 -32.53
CA ASP C 54 27.34 -0.37 -32.38
C ASP C 54 28.04 0.37 -33.51
N ALA C 55 29.37 0.40 -33.45
CA ALA C 55 30.19 0.94 -34.53
C ALA C 55 29.92 0.14 -35.82
N PRO C 56 30.04 0.80 -37.00
CA PRO C 56 29.90 0.07 -38.24
C PRO C 56 31.05 -0.90 -38.37
N PRO C 57 30.89 -1.97 -39.17
CA PRO C 57 29.74 -2.33 -40.02
C PRO C 57 28.51 -2.86 -39.28
N ARG C 58 28.69 -3.38 -38.07
CA ARG C 58 27.56 -3.91 -37.32
C ARG C 58 26.48 -2.81 -37.22
N GLY C 59 26.82 -1.65 -36.68
CA GLY C 59 25.91 -0.50 -36.73
C GLY C 59 25.08 -0.39 -38.00
N THR C 60 25.75 -0.45 -39.14
CA THR C 60 25.07 -0.32 -40.44
C THR C 60 24.00 -1.41 -40.61
N GLN C 61 24.34 -2.64 -40.27
CA GLN C 61 23.39 -3.75 -40.35
C GLN C 61 22.20 -3.54 -39.41
N GLN C 62 22.49 -3.07 -38.19
CA GLN C 62 21.44 -2.81 -37.20
C GLN C 62 20.39 -1.82 -37.70
N LEU C 63 20.81 -0.67 -38.23
CA LEU C 63 19.83 0.26 -38.76
C LEU C 63 19.09 -0.35 -39.95
N SER C 64 19.82 -0.87 -40.94
CA SER C 64 19.17 -1.50 -42.10
C SER C 64 18.06 -2.48 -41.66
N ARG C 65 18.39 -3.40 -40.76
CA ARG C 65 17.43 -4.37 -40.25
C ARG C 65 16.19 -3.69 -39.64
N LEU C 66 16.40 -2.68 -38.80
CA LEU C 66 15.28 -1.98 -38.15
C LEU C 66 14.34 -1.46 -39.24
N VAL C 67 14.89 -0.91 -40.32
CA VAL C 67 14.05 -0.50 -41.45
C VAL C 67 13.46 -1.67 -42.27
N SER C 68 14.31 -2.64 -42.63
CA SER C 68 13.89 -3.69 -43.57
C SER C 68 12.93 -4.72 -42.95
N GLU C 69 13.01 -4.91 -41.64
CA GLU C 69 12.04 -5.73 -40.92
C GLU C 69 10.76 -4.96 -40.56
N GLY C 70 10.66 -3.69 -40.94
CA GLY C 70 9.45 -2.91 -40.69
C GLY C 70 9.26 -2.38 -39.25
N ARG C 71 10.32 -2.41 -38.44
CA ARG C 71 10.23 -1.88 -37.04
C ARG C 71 10.15 -0.36 -37.01
N VAL C 72 10.98 0.32 -37.80
CA VAL C 72 10.87 1.77 -37.98
C VAL C 72 10.78 2.17 -39.44
N ASP C 73 10.26 3.37 -39.69
CA ASP C 73 10.22 3.94 -41.05
C ASP C 73 11.42 4.82 -41.38
N GLY C 74 11.99 5.43 -40.33
CA GLY C 74 13.08 6.38 -40.43
C GLY C 74 13.76 6.62 -39.07
N VAL C 75 14.93 7.23 -39.13
CA VAL C 75 15.82 7.22 -37.99
C VAL C 75 16.35 8.60 -37.71
N LEU C 76 16.29 8.99 -36.44
CA LEU C 76 16.98 10.16 -35.93
C LEU C 76 18.19 9.62 -35.20
N LEU C 77 19.36 10.11 -35.53
CA LEU C 77 20.59 9.57 -34.99
C LEU C 77 21.47 10.71 -34.45
N GLN C 78 21.82 10.59 -33.18
CA GLN C 78 22.79 11.45 -32.53
C GLN C 78 24.14 10.77 -32.70
N ARG C 79 25.15 11.53 -33.08
CA ARG C 79 26.50 10.97 -33.27
C ARG C 79 27.19 10.56 -31.95
N ARG C 80 27.45 9.26 -31.80
CA ARG C 80 28.35 8.77 -30.75
C ARG C 80 29.70 9.47 -30.81
N GLU C 81 30.26 9.83 -29.68
CA GLU C 81 31.46 10.68 -29.74
C GLU C 81 32.72 10.02 -30.36
N ASP C 82 32.70 8.69 -30.53
CA ASP C 82 33.81 7.95 -31.19
C ASP C 82 33.62 7.70 -32.70
N PHE C 83 32.57 8.28 -33.29
CA PHE C 83 32.26 8.11 -34.71
C PHE C 83 32.83 9.24 -35.52
N ASP C 84 33.67 8.94 -36.51
CA ASP C 84 34.10 9.98 -37.44
C ASP C 84 33.05 10.15 -38.54
N ASP C 85 33.25 11.10 -39.43
CA ASP C 85 32.22 11.43 -40.44
C ASP C 85 31.94 10.25 -41.37
N ASP C 86 32.96 9.44 -41.62
CA ASP C 86 32.81 8.26 -42.49
C ASP C 86 32.02 7.17 -41.74
N MET C 87 32.45 6.86 -40.52
CA MET C 87 31.76 5.87 -39.70
C MET C 87 30.26 6.26 -39.65
N LEU C 88 30.00 7.53 -39.37
CA LEU C 88 28.61 8.01 -39.34
C LEU C 88 27.95 7.82 -40.70
N ALA C 89 28.61 8.29 -41.77
CA ALA C 89 28.11 8.10 -43.15
C ALA C 89 27.74 6.64 -43.43
N ALA C 90 28.67 5.75 -43.11
CA ALA C 90 28.49 4.33 -43.31
C ALA C 90 27.18 3.77 -42.73
N VAL C 91 26.75 4.24 -41.57
CA VAL C 91 25.62 3.59 -40.94
C VAL C 91 24.29 4.08 -41.51
N LEU C 92 24.27 5.26 -42.12
CA LEU C 92 23.03 5.83 -42.66
C LEU C 92 22.86 5.64 -44.17
N GLU C 93 23.81 4.96 -44.82
CA GLU C 93 23.69 4.64 -46.27
C GLU C 93 22.49 3.73 -46.46
N GLY C 94 21.44 4.26 -47.10
CA GLY C 94 20.25 3.45 -47.43
C GLY C 94 19.20 3.41 -46.32
N VAL C 95 19.21 4.47 -45.49
CA VAL C 95 18.26 4.61 -44.40
C VAL C 95 17.70 6.02 -44.46
N PRO C 96 16.37 6.17 -44.40
CA PRO C 96 15.90 7.55 -44.32
C PRO C 96 16.21 8.10 -42.91
N ALA C 97 17.12 9.06 -42.84
CA ALA C 97 17.67 9.43 -41.56
C ALA C 97 18.03 10.90 -41.49
N VAL C 98 17.85 11.46 -40.29
CA VAL C 98 18.34 12.78 -39.94
C VAL C 98 19.30 12.70 -38.73
N THR C 99 20.46 13.35 -38.85
CA THR C 99 21.39 13.42 -37.73
C THR C 99 20.98 14.61 -36.86
N ILE C 100 21.07 14.44 -35.54
CA ILE C 100 20.57 15.46 -34.60
C ILE C 100 21.73 15.88 -33.74
N ASN C 101 21.94 17.19 -33.65
CA ASN C 101 23.03 17.78 -32.86
C ASN C 101 24.40 17.41 -33.43
N SER C 102 24.43 17.23 -34.74
CA SER C 102 25.57 16.69 -35.46
C SER C 102 25.30 16.73 -36.97
N ARG C 103 26.35 16.99 -37.74
CA ARG C 103 26.33 16.99 -39.21
C ARG C 103 27.47 16.14 -39.78
N VAL C 104 27.17 15.41 -40.86
CA VAL C 104 28.18 14.78 -41.69
C VAL C 104 28.26 15.57 -43.02
N PRO C 105 29.46 16.10 -43.38
CA PRO C 105 29.57 16.74 -44.70
C PRO C 105 29.47 15.72 -45.83
N GLY C 106 28.83 16.10 -46.92
CA GLY C 106 28.72 15.21 -48.09
C GLY C 106 27.46 14.35 -48.06
N ARG C 107 26.68 14.45 -46.98
CA ARG C 107 25.31 13.95 -47.00
C ARG C 107 24.38 15.05 -46.53
N VAL C 108 23.08 14.81 -46.64
CA VAL C 108 22.10 15.78 -46.20
C VAL C 108 21.06 15.09 -45.33
N GLY C 109 20.48 15.87 -44.43
CA GLY C 109 19.50 15.36 -43.49
C GLY C 109 20.14 15.54 -42.13
N SER C 110 20.16 16.79 -41.69
CA SER C 110 20.69 17.09 -40.38
C SER C 110 19.99 18.30 -39.77
N VAL C 111 19.96 18.32 -38.44
CA VAL C 111 19.65 19.52 -37.68
C VAL C 111 20.74 19.71 -36.60
N ILE C 112 21.25 20.94 -36.48
CA ILE C 112 22.30 21.26 -35.53
C ILE C 112 21.94 22.54 -34.79
N LEU C 113 22.59 22.73 -33.64
CA LEU C 113 22.42 23.92 -32.85
C LEU C 113 23.42 24.96 -33.33
N ASP C 114 23.19 26.20 -32.89
CA ASP C 114 24.08 27.31 -33.17
C ASP C 114 25.29 27.23 -32.26
N ASP C 115 26.10 26.23 -32.51
CA ASP C 115 27.19 25.89 -31.64
C ASP C 115 28.22 27.01 -31.51
N GLN C 116 28.49 27.70 -32.61
CA GLN C 116 29.46 28.76 -32.64
C GLN C 116 29.03 29.88 -31.73
N LYS C 117 27.75 30.21 -31.75
CA LYS C 117 27.26 31.27 -30.92
C LYS C 117 27.31 30.85 -29.43
N GLY C 118 27.02 29.57 -29.16
CA GLY C 118 27.11 29.04 -27.80
C GLY C 118 28.49 29.27 -27.23
N GLY C 119 29.50 28.72 -27.92
CA GLY C 119 30.90 28.94 -27.54
C GLY C 119 31.24 30.42 -27.36
N GLY C 120 30.73 31.26 -28.26
CA GLY C 120 30.95 32.68 -28.25
C GLY C 120 30.33 33.35 -27.06
N ILE C 121 29.06 33.06 -26.78
CA ILE C 121 28.43 33.65 -25.59
C ILE C 121 29.15 33.25 -24.28
N ALA C 122 29.61 32.02 -24.17
CA ALA C 122 30.32 31.60 -22.95
C ALA C 122 31.63 32.38 -22.79
N THR C 123 32.41 32.41 -23.88
CA THR C 123 33.66 33.16 -23.93
C THR C 123 33.48 34.61 -23.58
N GLU C 124 32.48 35.22 -24.20
CA GLU C 124 32.28 36.66 -24.06
C GLU C 124 31.98 37.05 -22.61
N HIS C 125 31.15 36.27 -21.93
CA HIS C 125 30.85 36.52 -20.50
C HIS C 125 32.14 36.52 -19.67
N LEU C 126 33.07 35.62 -19.97
CA LEU C 126 34.37 35.60 -19.27
C LEU C 126 35.25 36.83 -19.61
N ILE C 127 35.27 37.20 -20.90
CA ILE C 127 36.01 38.37 -21.35
C ILE C 127 35.49 39.62 -20.66
N THR C 128 34.17 39.79 -20.67
CA THR C 128 33.53 40.90 -19.93
C THR C 128 33.99 40.98 -18.47
N LEU C 129 34.19 39.83 -17.85
CA LEU C 129 34.52 39.75 -16.44
C LEU C 129 35.97 40.13 -16.13
N GLY C 130 36.80 40.23 -17.17
CA GLY C 130 38.19 40.67 -17.02
C GLY C 130 39.25 39.63 -17.36
N HIS C 131 38.79 38.44 -17.76
CA HIS C 131 39.67 37.33 -18.10
C HIS C 131 40.33 37.57 -19.45
N SER C 132 41.63 37.24 -19.49
CA SER C 132 42.44 37.41 -20.68
C SER C 132 42.96 36.09 -21.16
N ARG C 133 43.18 35.17 -20.23
CA ARG C 133 43.71 33.86 -20.53
C ARG C 133 42.56 32.90 -20.29
N ILE C 134 42.01 32.38 -21.38
CA ILE C 134 40.83 31.52 -21.34
C ILE C 134 41.12 30.17 -22.00
N ALA C 135 40.93 29.09 -21.24
CA ALA C 135 41.13 27.74 -21.77
C ALA C 135 39.80 27.20 -22.28
N PHE C 136 39.86 26.02 -22.88
CA PHE C 136 38.70 25.43 -23.54
C PHE C 136 38.86 23.93 -23.46
N ILE C 137 37.93 23.28 -22.76
CA ILE C 137 37.86 21.83 -22.72
C ILE C 137 36.79 21.40 -23.71
N SER C 138 37.21 20.67 -24.77
CA SER C 138 36.33 20.34 -25.86
C SER C 138 35.65 18.98 -25.69
N GLY C 139 34.76 18.69 -26.64
CA GLY C 139 34.40 17.31 -26.92
C GLY C 139 35.60 16.60 -27.53
N THR C 140 35.39 15.40 -28.09
CA THR C 140 36.46 14.71 -28.80
C THR C 140 36.82 15.44 -30.08
N ALA C 141 38.00 15.13 -30.61
CA ALA C 141 38.51 15.74 -31.85
C ALA C 141 37.52 15.60 -33.00
N ILE C 142 36.92 14.42 -33.12
CA ILE C 142 36.13 14.06 -34.29
C ILE C 142 34.65 14.42 -34.21
N HIS C 143 34.20 15.08 -33.12
CA HIS C 143 32.80 15.46 -33.07
C HIS C 143 32.63 16.86 -33.59
N ASP C 144 31.74 17.03 -34.56
CA ASP C 144 31.61 18.30 -35.24
C ASP C 144 30.97 19.40 -34.39
N THR C 145 30.09 19.00 -33.48
CA THR C 145 29.48 19.96 -32.56
C THR C 145 30.53 20.56 -31.66
N ALA C 146 31.44 19.74 -31.17
CA ALA C 146 32.57 20.20 -30.35
C ALA C 146 33.44 21.16 -31.14
N GLN C 147 33.78 20.79 -32.38
CA GLN C 147 34.63 21.66 -33.22
C GLN C 147 33.97 23.03 -33.44
N ARG C 148 32.65 23.09 -33.62
CA ARG C 148 31.99 24.41 -33.87
C ARG C 148 32.03 25.29 -32.63
N ARG C 149 31.94 24.65 -31.45
CA ARG C 149 31.83 25.41 -30.23
C ARG C 149 33.20 25.98 -29.94
N LYS C 150 34.20 25.14 -30.19
CA LYS C 150 35.58 25.52 -30.04
C LYS C 150 35.86 26.70 -31.01
N GLU C 151 35.35 26.57 -32.22
CA GLU C 151 35.53 27.67 -33.22
C GLU C 151 34.90 28.98 -32.72
N GLY C 152 33.73 28.88 -32.11
CA GLY C 152 33.08 30.08 -31.53
C GLY C 152 33.94 30.75 -30.48
N TYR C 153 34.66 29.91 -29.74
CA TYR C 153 35.54 30.35 -28.67
C TYR C 153 36.80 31.00 -29.27
N LEU C 154 37.44 30.31 -30.20
CA LEU C 154 38.66 30.84 -30.83
C LEU C 154 38.39 32.17 -31.53
N GLU C 155 37.29 32.25 -32.27
CA GLU C 155 36.93 33.49 -32.98
C GLU C 155 36.63 34.64 -32.04
N THR C 156 35.89 34.36 -30.97
CA THR C 156 35.54 35.39 -29.99
C THR C 156 36.80 35.97 -29.33
N LEU C 157 37.78 35.12 -29.07
CA LEU C 157 39.06 35.57 -28.53
C LEU C 157 39.77 36.45 -29.59
N ALA C 158 39.97 35.92 -30.79
CA ALA C 158 40.56 36.70 -31.90
C ALA C 158 39.87 38.06 -32.05
N SER C 159 38.55 38.10 -32.05
CA SER C 159 37.81 39.35 -32.26
C SER C 159 37.99 40.36 -31.15
N ALA C 160 38.27 39.88 -29.94
CA ALA C 160 38.53 40.77 -28.79
C ALA C 160 40.03 41.07 -28.56
N GLY C 161 40.90 40.53 -29.43
CA GLY C 161 42.35 40.81 -29.36
C GLY C 161 43.09 40.01 -28.29
N LEU C 162 42.61 38.79 -28.02
CA LEU C 162 43.23 37.90 -27.04
C LEU C 162 43.82 36.66 -27.70
N ARG C 163 44.83 36.10 -27.04
CA ARG C 163 45.52 34.90 -27.53
C ARG C 163 44.97 33.64 -26.89
N SER C 164 45.21 32.50 -27.54
CA SER C 164 45.05 31.18 -26.94
C SER C 164 46.18 30.28 -27.41
N GLU C 165 46.76 29.52 -26.50
CA GLU C 165 47.88 28.63 -26.80
C GLU C 165 47.43 27.18 -26.85
N ALA C 166 48.04 26.38 -27.73
CA ALA C 166 47.72 24.95 -27.88
C ALA C 166 47.54 24.21 -26.55
N ALA C 167 48.36 24.57 -25.57
CA ALA C 167 48.31 23.93 -24.25
C ALA C 167 47.03 24.27 -23.43
N TRP C 168 46.28 25.28 -23.87
CA TRP C 168 45.10 25.77 -23.17
C TRP C 168 43.81 25.19 -23.76
N VAL C 169 43.94 24.35 -24.78
CA VAL C 169 42.79 23.84 -25.52
C VAL C 169 42.92 22.33 -25.58
N VAL C 170 42.01 21.62 -24.91
CA VAL C 170 42.12 20.17 -24.76
C VAL C 170 40.89 19.43 -25.29
N ASP C 171 41.10 18.59 -26.30
CA ASP C 171 40.07 17.69 -26.76
C ASP C 171 39.84 16.67 -25.64
N ALA C 172 38.58 16.37 -25.36
CA ALA C 172 38.25 15.55 -24.20
C ALA C 172 37.02 14.70 -24.52
N GLY C 173 35.85 15.28 -24.34
CA GLY C 173 34.59 14.53 -24.40
C GLY C 173 33.44 15.29 -23.79
N TRP C 174 32.25 14.69 -23.89
CA TRP C 174 31.02 15.25 -23.34
C TRP C 174 30.84 14.96 -21.86
N GLU C 175 31.43 13.86 -21.39
CA GLU C 175 31.12 13.34 -20.05
C GLU C 175 32.06 13.81 -18.94
N ALA C 176 31.63 13.59 -17.70
CA ALA C 176 32.30 14.05 -16.50
C ALA C 176 33.74 13.59 -16.43
N ASP C 177 33.97 12.29 -16.57
CA ASP C 177 35.34 11.78 -16.47
C ASP C 177 36.28 12.43 -17.51
N ALA C 178 35.76 12.67 -18.72
CA ALA C 178 36.54 13.36 -19.74
C ALA C 178 36.84 14.79 -19.29
N GLY C 179 35.82 15.47 -18.76
CA GLY C 179 36.04 16.81 -18.22
C GLY C 179 37.10 16.86 -17.12
N SER C 180 37.03 15.89 -16.23
CA SER C 180 37.92 15.81 -15.09
C SER C 180 39.37 15.55 -15.52
N ALA C 181 39.55 14.59 -16.43
CA ALA C 181 40.87 14.29 -16.96
C ALA C 181 41.43 15.49 -17.72
N ALA C 182 40.59 16.22 -18.46
CA ALA C 182 41.08 17.43 -19.13
C ALA C 182 41.51 18.50 -18.13
N LEU C 183 40.71 18.71 -17.09
CA LEU C 183 40.98 19.79 -16.15
C LEU C 183 42.31 19.54 -15.50
N ASN C 184 42.52 18.30 -15.02
CA ASN C 184 43.80 17.83 -14.51
C ASN C 184 44.94 18.14 -15.51
N THR C 185 44.78 17.76 -16.78
CA THR C 185 45.86 18.01 -17.77
C THR C 185 46.22 19.49 -17.83
N LEU C 186 45.23 20.37 -17.78
CA LEU C 186 45.48 21.82 -17.77
C LEU C 186 46.15 22.28 -16.47
N TYR C 187 45.80 21.68 -15.33
CA TYR C 187 46.45 22.03 -14.06
C TYR C 187 47.91 21.57 -14.05
N ARG C 188 48.13 20.35 -14.53
CA ARG C 188 49.46 19.76 -14.63
C ARG C 188 50.31 20.42 -15.73
N GLY C 189 49.68 20.89 -16.80
CA GLY C 189 50.38 21.26 -18.02
C GLY C 189 50.37 22.71 -18.45
N ALA C 190 49.32 23.47 -18.07
CA ALA C 190 49.19 24.86 -18.51
C ALA C 190 49.15 25.82 -17.33
N ASN C 191 49.70 25.38 -16.21
CA ASN C 191 49.62 26.06 -14.92
C ASN C 191 48.28 26.73 -14.67
N LEU C 192 47.20 25.98 -14.87
CA LEU C 192 45.85 26.46 -14.59
C LEU C 192 45.78 27.00 -13.17
N GLY C 193 44.93 28.02 -12.98
CA GLY C 193 44.75 28.63 -11.66
C GLY C 193 46.02 29.07 -10.93
N LYS C 194 47.09 29.28 -11.69
CA LYS C 194 48.35 29.84 -11.17
C LYS C 194 48.92 30.82 -12.20
N PRO C 195 49.88 31.67 -11.78
CA PRO C 195 50.54 32.87 -12.32
C PRO C 195 50.49 33.06 -13.84
N ASP C 196 51.08 32.14 -14.59
CA ASP C 196 51.06 32.24 -16.04
C ASP C 196 49.80 31.63 -16.68
N GLY C 197 49.10 30.74 -15.97
CA GLY C 197 48.02 29.95 -16.62
C GLY C 197 46.68 30.64 -16.85
N PRO C 198 45.79 29.99 -17.63
CA PRO C 198 44.43 30.48 -17.72
C PRO C 198 43.74 30.70 -16.36
N THR C 199 42.93 31.74 -16.31
CA THR C 199 42.18 32.07 -15.14
C THR C 199 40.68 31.67 -15.33
N ALA C 200 40.34 31.14 -16.51
CA ALA C 200 38.94 30.70 -16.78
C ALA C 200 38.94 29.63 -17.83
N VAL C 201 37.86 28.85 -17.89
CA VAL C 201 37.77 27.73 -18.79
C VAL C 201 36.34 27.58 -19.26
N VAL C 202 36.15 27.38 -20.57
CA VAL C 202 34.86 27.14 -21.18
C VAL C 202 34.86 25.67 -21.48
N VAL C 203 33.77 24.96 -21.15
CA VAL C 203 33.69 23.52 -21.33
C VAL C 203 32.55 23.24 -22.29
N ALA C 204 32.81 22.39 -23.29
CA ALA C 204 31.98 22.37 -24.48
C ALA C 204 30.61 21.75 -24.20
N SER C 205 30.55 20.83 -23.24
CA SER C 205 29.27 20.33 -22.77
C SER C 205 29.24 20.22 -21.23
N VAL C 206 28.04 20.27 -20.71
CA VAL C 206 27.78 20.46 -19.28
C VAL C 206 28.29 19.34 -18.37
N ASN C 207 28.11 18.07 -18.73
CA ASN C 207 28.58 16.98 -17.89
C ASN C 207 30.08 17.04 -17.71
N ALA C 208 30.79 17.33 -18.79
CA ALA C 208 32.23 17.57 -18.71
C ALA C 208 32.53 18.71 -17.78
N ALA C 209 31.70 19.72 -17.85
CA ALA C 209 31.89 20.90 -17.03
C ALA C 209 31.68 20.59 -15.53
N VAL C 210 30.79 19.68 -15.20
CA VAL C 210 30.55 19.24 -13.81
C VAL C 210 31.74 18.45 -13.29
N GLY C 211 32.31 17.63 -14.18
CA GLY C 211 33.52 16.93 -13.88
C GLY C 211 34.69 17.90 -13.66
N ALA C 212 34.75 18.96 -14.48
CA ALA C 212 35.86 19.91 -14.43
C ALA C 212 35.80 20.76 -13.14
N LEU C 213 34.58 21.16 -12.75
CA LEU C 213 34.32 21.80 -11.49
C LEU C 213 34.79 21.00 -10.30
N SER C 214 34.38 19.73 -10.25
CA SER C 214 34.64 18.86 -9.14
C SER C 214 36.11 18.49 -9.05
N THR C 215 36.77 18.44 -10.19
CA THR C 215 38.21 18.24 -10.18
C THR C 215 38.96 19.47 -9.69
N ALA C 216 38.53 20.65 -10.10
CA ALA C 216 39.17 21.88 -9.64
C ALA C 216 39.01 22.00 -8.11
N LEU C 217 37.85 21.67 -7.56
CA LEU C 217 37.65 21.81 -6.09
C LEU C 217 38.50 20.79 -5.32
N ARG C 218 38.61 19.60 -5.89
CA ARG C 218 39.41 18.54 -5.33
C ARG C 218 40.91 18.87 -5.29
N LEU C 219 41.39 19.59 -6.29
CA LEU C 219 42.76 20.04 -6.38
C LEU C 219 43.03 21.21 -5.42
N GLY C 220 41.97 21.81 -4.89
CA GLY C 220 42.07 22.87 -3.92
C GLY C 220 41.92 24.24 -4.57
N LEU C 221 41.65 24.26 -5.88
CA LEU C 221 41.37 25.52 -6.56
C LEU C 221 40.04 26.03 -6.02
N ARG C 222 39.99 27.30 -5.67
CA ARG C 222 38.73 27.92 -5.33
C ARG C 222 38.03 28.29 -6.62
N VAL C 223 36.74 28.01 -6.68
CA VAL C 223 35.91 28.44 -7.79
C VAL C 223 34.86 29.36 -7.21
N PRO C 224 34.73 30.56 -7.75
CA PRO C 224 35.37 31.13 -8.95
C PRO C 224 36.68 31.92 -8.73
N GLU C 225 37.16 32.03 -7.50
CA GLU C 225 38.25 32.94 -7.20
C GLU C 225 39.55 32.59 -7.91
N ASP C 226 39.95 31.34 -7.82
CA ASP C 226 41.11 30.89 -8.59
C ASP C 226 40.76 30.53 -10.04
N LEU C 227 39.53 30.15 -10.31
CA LEU C 227 39.14 29.67 -11.67
C LEU C 227 37.68 29.85 -11.91
N SER C 228 37.33 30.59 -12.96
CA SER C 228 35.95 30.68 -13.47
C SER C 228 35.66 29.54 -14.45
N ILE C 229 34.42 29.06 -14.44
CA ILE C 229 34.01 27.95 -15.30
C ILE C 229 32.64 28.24 -15.91
N VAL C 230 32.53 28.06 -17.23
CA VAL C 230 31.25 28.09 -17.91
C VAL C 230 31.14 26.80 -18.71
N GLY C 231 29.98 26.14 -18.62
CA GLY C 231 29.70 24.97 -19.43
C GLY C 231 28.65 25.34 -20.44
N ILE C 232 28.60 24.62 -21.53
CA ILE C 232 27.62 24.85 -22.60
C ILE C 232 26.56 23.76 -22.47
N ASN C 233 25.31 24.18 -22.62
CA ASN C 233 24.10 23.45 -22.22
C ASN C 233 23.91 23.42 -20.69
N THR C 234 22.73 22.97 -20.25
CA THR C 234 22.27 23.13 -18.87
C THR C 234 21.44 21.93 -18.48
N THR C 235 21.62 21.46 -17.25
CA THR C 235 20.79 20.40 -16.69
C THR C 235 20.50 20.74 -15.25
N TRP C 236 19.65 19.93 -14.63
CA TRP C 236 19.35 20.08 -13.22
C TRP C 236 20.64 20.01 -12.39
N VAL C 237 21.63 19.25 -12.86
CA VAL C 237 22.87 19.01 -12.14
C VAL C 237 23.69 20.30 -12.06
N SER C 238 23.83 20.97 -13.19
CA SER C 238 24.65 22.15 -13.28
C SER C 238 24.06 23.29 -12.44
N ASP C 239 22.72 23.30 -12.34
CA ASP C 239 21.98 24.24 -11.46
C ASP C 239 21.94 23.83 -10.01
N THR C 240 22.18 22.57 -9.70
CA THR C 240 21.95 22.07 -8.36
C THR C 240 23.23 22.14 -7.54
N VAL C 241 24.33 21.67 -8.10
CA VAL C 241 25.57 21.68 -7.35
C VAL C 241 25.95 23.05 -6.78
N TYR C 242 26.85 23.05 -5.82
CA TYR C 242 27.28 24.26 -5.19
C TYR C 242 28.78 24.19 -5.26
N PRO C 243 29.42 25.19 -5.86
CA PRO C 243 28.82 26.33 -6.52
C PRO C 243 28.12 25.89 -7.82
N ALA C 244 26.98 26.49 -8.10
CA ALA C 244 26.19 26.18 -9.29
C ALA C 244 26.92 26.66 -10.56
N LEU C 245 26.91 25.81 -11.59
CA LEU C 245 27.67 26.13 -12.81
C LEU C 245 27.01 27.18 -13.68
N THR C 246 27.74 28.24 -13.99
CA THR C 246 27.27 29.15 -15.04
C THR C 246 27.31 28.39 -16.38
N THR C 247 26.19 28.45 -17.13
CA THR C 247 26.02 27.70 -18.34
C THR C 247 25.29 28.50 -19.43
N VAL C 248 25.40 27.98 -20.63
CA VAL C 248 24.71 28.58 -21.76
C VAL C 248 23.65 27.57 -22.18
N ARG C 249 22.38 27.92 -22.02
CA ARG C 249 21.33 27.04 -22.43
C ARG C 249 21.04 27.18 -23.92
N LEU C 250 21.03 26.04 -24.61
CA LEU C 250 20.68 25.90 -26.01
C LEU C 250 19.29 25.22 -26.18
N PRO C 251 18.61 25.50 -27.30
CA PRO C 251 17.24 25.07 -27.48
C PRO C 251 17.15 23.61 -27.91
N LEU C 252 17.38 22.69 -26.98
CA LEU C 252 17.46 21.25 -27.32
C LEU C 252 16.07 20.66 -27.66
N GLN C 253 15.02 21.17 -27.03
CA GLN C 253 13.67 20.68 -27.28
C GLN C 253 13.29 21.05 -28.72
N ARG C 254 13.45 22.33 -29.03
CA ARG C 254 13.19 22.75 -30.38
C ARG C 254 13.98 21.88 -31.38
N LEU C 255 15.26 21.60 -31.09
CA LEU C 255 16.07 20.77 -31.97
C LEU C 255 15.45 19.43 -32.26
N GLY C 256 14.92 18.78 -31.21
CA GLY C 256 14.22 17.52 -31.31
C GLY C 256 13.00 17.63 -32.20
N GLU C 257 12.16 18.63 -31.96
CA GLU C 257 10.98 18.87 -32.78
C GLU C 257 11.31 18.98 -34.29
N VAL C 258 12.28 19.84 -34.58
CA VAL C 258 12.60 20.16 -35.96
C VAL C 258 13.15 18.90 -36.61
N ALA C 259 14.06 18.22 -35.94
CA ALA C 259 14.66 17.03 -36.53
C ALA C 259 13.58 15.99 -36.87
N ALA C 260 12.68 15.77 -35.92
CA ALA C 260 11.58 14.85 -36.08
C ALA C 260 10.64 15.27 -37.22
N ASP C 261 10.50 16.58 -37.41
CA ASP C 261 9.66 17.14 -38.46
C ASP C 261 10.27 16.97 -39.86
N VAL C 262 11.57 17.26 -39.96
CA VAL C 262 12.31 17.08 -41.23
C VAL C 262 12.31 15.59 -41.60
N LEU C 263 12.40 14.69 -40.62
CA LEU C 263 12.30 13.25 -40.94
C LEU C 263 10.90 12.88 -41.46
N MET C 264 9.85 13.18 -40.69
CA MET C 264 8.48 12.72 -41.02
C MET C 264 7.89 13.26 -42.33
N GLU C 265 8.30 14.46 -42.71
CA GLU C 265 7.92 15.05 -43.98
C GLU C 265 8.71 14.41 -45.12
N HIS C 266 9.98 14.08 -44.89
CA HIS C 266 10.75 13.31 -45.85
C HIS C 266 10.10 11.97 -46.12
N LEU C 267 9.55 11.37 -45.06
CA LEU C 267 8.84 10.12 -45.20
C LEU C 267 7.61 10.27 -46.09
N GLY C 268 7.07 11.49 -46.17
CA GLY C 268 5.94 11.81 -47.04
C GLY C 268 6.29 12.59 -48.31
N GLY C 269 7.50 12.38 -48.84
CA GLY C 269 7.86 12.90 -50.15
C GLY C 269 8.78 14.12 -50.20
N ARG C 270 8.59 15.05 -49.26
CA ARG C 270 9.40 16.27 -49.23
C ARG C 270 10.89 15.93 -49.05
N ALA C 271 11.77 16.81 -49.52
CA ALA C 271 13.21 16.56 -49.49
C ALA C 271 13.78 16.77 -48.08
N LEU C 272 14.97 16.22 -47.87
CA LEU C 272 15.72 16.32 -46.61
C LEU C 272 16.54 17.62 -46.57
N THR C 273 16.67 18.20 -45.37
CA THR C 273 17.33 19.49 -45.22
C THR C 273 18.42 19.52 -44.13
N ASP C 274 19.47 20.30 -44.41
CA ASP C 274 20.45 20.65 -43.41
C ASP C 274 20.01 22.00 -42.82
N THR C 275 19.59 21.99 -41.56
CA THR C 275 18.98 23.13 -40.85
C THR C 275 19.80 23.49 -39.59
N VAL C 276 19.82 24.78 -39.25
CA VAL C 276 20.37 25.22 -37.99
C VAL C 276 19.27 25.88 -37.18
N VAL C 277 19.09 25.42 -35.93
CA VAL C 277 18.17 26.06 -35.01
C VAL C 277 18.89 27.27 -34.40
N THR C 278 18.36 28.45 -34.70
CA THR C 278 18.91 29.73 -34.30
C THR C 278 17.92 30.48 -33.42
N GLN C 279 16.67 30.02 -33.38
CA GLN C 279 15.69 30.57 -32.46
C GLN C 279 15.06 29.41 -31.68
N PRO C 280 14.93 29.55 -30.34
CA PRO C 280 15.40 30.64 -29.52
C PRO C 280 16.90 30.83 -29.55
N THR C 281 17.33 32.04 -29.22
CA THR C 281 18.74 32.34 -29.11
C THR C 281 19.27 31.63 -27.86
N PRO C 282 20.58 31.38 -27.82
CA PRO C 282 21.13 30.83 -26.57
C PRO C 282 20.89 31.73 -25.36
N GLU C 283 20.88 31.10 -24.19
CA GLU C 283 20.66 31.83 -22.95
C GLU C 283 21.82 31.65 -21.98
N LEU C 284 22.47 32.76 -21.60
CA LEU C 284 23.46 32.69 -20.55
C LEU C 284 22.78 32.69 -19.15
N LEU C 285 23.03 31.63 -18.39
CA LEU C 285 22.46 31.47 -17.03
C LEU C 285 23.57 31.77 -16.02
N VAL C 286 23.59 32.99 -15.49
CA VAL C 286 24.65 33.37 -14.56
C VAL C 286 24.39 32.74 -13.20
N ARG C 287 25.31 31.89 -12.77
CA ARG C 287 25.17 31.19 -11.51
C ARG C 287 26.40 31.58 -10.64
N GLU C 288 27.17 30.64 -10.08
CA GLU C 288 28.19 30.96 -9.06
C GLU C 288 29.65 30.63 -9.44
N THR C 289 29.88 30.08 -10.63
CA THR C 289 31.21 29.63 -11.00
C THR C 289 32.00 30.63 -11.85
N THR C 290 31.47 31.84 -12.03
CA THR C 290 32.17 32.85 -12.84
C THR C 290 32.37 34.15 -12.07
N ALA C 291 33.58 34.67 -12.10
CA ALA C 291 33.87 35.96 -11.46
C ALA C 291 35.14 36.56 -12.06
N PRO C 292 35.41 37.85 -11.79
CA PRO C 292 36.66 38.46 -12.30
C PRO C 292 37.91 37.69 -11.86
N PRO C 293 38.98 37.70 -12.67
CA PRO C 293 40.19 36.94 -12.30
C PRO C 293 40.79 37.33 -10.93
N THR D 17 -10.32 2.70 36.80
CA THR D 17 -10.61 1.52 35.95
C THR D 17 -11.68 0.62 36.60
N ILE D 18 -12.66 0.17 35.81
CA ILE D 18 -13.60 -0.87 36.25
C ILE D 18 -13.50 -2.14 35.40
N GLY D 19 -13.88 -3.26 36.01
CA GLY D 19 -13.85 -4.55 35.36
C GLY D 19 -15.18 -4.89 34.72
N LEU D 20 -15.18 -5.37 33.49
CA LEU D 20 -16.38 -5.93 32.92
C LEU D 20 -16.05 -7.38 32.76
N ILE D 21 -16.68 -8.22 33.57
CA ILE D 21 -16.38 -9.62 33.62
C ILE D 21 -17.50 -10.36 32.93
N VAL D 22 -17.19 -11.11 31.88
CA VAL D 22 -18.24 -11.81 31.15
C VAL D 22 -17.83 -13.23 30.84
N PRO D 23 -18.80 -14.08 30.55
CA PRO D 23 -18.46 -15.46 30.35
C PRO D 23 -17.89 -15.77 28.97
N ASP D 24 -18.32 -15.02 27.95
CA ASP D 24 -17.96 -15.31 26.57
C ASP D 24 -18.25 -14.10 25.72
N VAL D 25 -17.20 -13.49 25.17
CA VAL D 25 -17.38 -12.32 24.30
C VAL D 25 -18.26 -12.60 23.07
N ASN D 26 -18.55 -13.86 22.79
CA ASN D 26 -19.49 -14.24 21.72
C ASN D 26 -20.98 -14.12 22.07
N ASN D 27 -21.28 -13.94 23.36
CA ASN D 27 -22.64 -13.76 23.86
C ASN D 27 -23.43 -12.74 23.07
N ALA D 28 -24.70 -13.03 22.84
CA ALA D 28 -25.61 -12.16 22.08
C ALA D 28 -25.68 -10.72 22.58
N VAL D 29 -25.58 -10.57 23.89
CA VAL D 29 -25.79 -9.26 24.49
C VAL D 29 -24.52 -8.45 24.65
N PHE D 30 -23.38 -9.11 24.57
CA PHE D 30 -22.08 -8.48 24.85
C PHE D 30 -21.85 -7.18 24.08
N ALA D 31 -22.05 -7.20 22.77
CA ALA D 31 -21.71 -6.02 21.97
C ALA D 31 -22.43 -4.77 22.46
N ASP D 32 -23.75 -4.85 22.55
CA ASP D 32 -24.57 -3.68 22.89
C ASP D 32 -24.34 -3.22 24.32
N MET D 33 -24.32 -4.18 25.23
CA MET D 33 -23.99 -3.95 26.61
C MET D 33 -22.68 -3.18 26.68
N PHE D 34 -21.66 -3.71 26.00
CA PHE D 34 -20.34 -3.11 26.11
C PHE D 34 -20.34 -1.67 25.62
N SER D 35 -21.01 -1.40 24.50
CA SER D 35 -21.12 -0.01 24.04
C SER D 35 -21.71 0.86 25.13
N GLY D 36 -22.62 0.29 25.92
CA GLY D 36 -23.25 0.97 27.06
C GLY D 36 -22.23 1.30 28.13
N VAL D 37 -21.59 0.25 28.66
CA VAL D 37 -20.52 0.40 29.66
C VAL D 37 -19.45 1.39 29.19
N GLN D 38 -19.10 1.39 27.91
CA GLN D 38 -18.09 2.33 27.41
C GLN D 38 -18.60 3.77 27.43
N MET D 39 -19.86 3.98 27.02
CA MET D 39 -20.47 5.32 27.08
C MET D 39 -20.39 5.86 28.51
N ALA D 40 -20.86 5.08 29.47
CA ALA D 40 -20.88 5.51 30.86
C ALA D 40 -19.46 5.87 31.30
N ALA D 41 -18.54 4.92 31.14
CA ALA D 41 -17.14 5.06 31.55
C ALA D 41 -16.44 6.25 30.87
N SER D 42 -16.65 6.41 29.55
CA SER D 42 -15.99 7.49 28.78
C SER D 42 -16.23 8.88 29.36
N GLY D 43 -17.49 9.17 29.69
CA GLY D 43 -17.88 10.45 30.29
C GLY D 43 -17.39 10.64 31.72
N HIS D 44 -17.08 9.55 32.40
CA HIS D 44 -16.55 9.59 33.77
C HIS D 44 -15.04 9.27 33.83
N SER D 45 -14.32 9.63 32.76
CA SER D 45 -12.87 9.47 32.70
C SER D 45 -12.35 8.10 33.20
N THR D 46 -13.14 7.05 32.96
CA THR D 46 -12.85 5.71 33.49
C THR D 46 -12.64 4.69 32.35
N ASP D 47 -11.69 3.79 32.58
CA ASP D 47 -11.32 2.75 31.65
C ASP D 47 -11.99 1.44 32.02
N VAL D 48 -12.17 0.58 31.02
CA VAL D 48 -12.84 -0.69 31.20
C VAL D 48 -11.86 -1.81 30.98
N LEU D 49 -11.80 -2.71 31.95
CA LEU D 49 -10.95 -3.86 31.83
C LEU D 49 -11.84 -5.04 31.62
N LEU D 50 -11.58 -5.80 30.56
CA LEU D 50 -12.42 -6.92 30.19
C LEU D 50 -11.80 -8.21 30.68
N GLY D 51 -12.58 -9.00 31.41
CA GLY D 51 -12.04 -10.17 32.08
C GLY D 51 -13.00 -11.33 32.08
N GLN D 52 -12.48 -12.48 32.50
CA GLN D 52 -13.28 -13.68 32.70
C GLN D 52 -12.83 -14.33 33.99
N ILE D 53 -13.71 -15.15 34.56
CA ILE D 53 -13.35 -15.94 35.75
C ILE D 53 -13.77 -17.40 35.57
N ASP D 54 -13.03 -18.30 36.22
CA ASP D 54 -13.36 -19.72 36.24
C ASP D 54 -14.29 -19.95 37.43
N ALA D 55 -14.74 -21.20 37.60
CA ALA D 55 -15.64 -21.54 38.70
C ALA D 55 -14.92 -21.37 40.03
N PRO D 56 -15.66 -20.95 41.08
CA PRO D 56 -15.03 -20.89 42.40
C PRO D 56 -14.48 -22.26 42.82
N PRO D 57 -13.39 -22.28 43.60
CA PRO D 57 -12.76 -21.14 44.27
C PRO D 57 -11.82 -20.29 43.40
N ARG D 58 -11.33 -20.86 42.29
CA ARG D 58 -10.42 -20.15 41.40
C ARG D 58 -10.96 -18.73 41.19
N GLY D 59 -12.20 -18.64 40.73
CA GLY D 59 -12.86 -17.35 40.45
C GLY D 59 -12.94 -16.42 41.64
N THR D 60 -13.08 -16.97 42.85
CA THR D 60 -13.10 -16.13 44.04
C THR D 60 -11.73 -15.45 44.20
N GLN D 61 -10.65 -16.24 44.08
CA GLN D 61 -9.28 -15.72 44.15
C GLN D 61 -9.06 -14.66 43.07
N GLN D 62 -9.56 -14.92 41.87
CA GLN D 62 -9.37 -14.04 40.71
C GLN D 62 -9.96 -12.65 40.95
N LEU D 63 -11.26 -12.59 41.24
CA LEU D 63 -11.94 -11.31 41.45
C LEU D 63 -11.34 -10.47 42.58
N SER D 64 -11.02 -11.10 43.72
CA SER D 64 -10.48 -10.36 44.88
C SER D 64 -9.10 -9.80 44.60
N ARG D 65 -8.22 -10.63 44.02
CA ARG D 65 -6.90 -10.17 43.55
C ARG D 65 -7.02 -8.99 42.60
N LEU D 66 -8.04 -8.98 41.74
CA LEU D 66 -8.26 -7.89 40.80
C LEU D 66 -8.43 -6.57 41.54
N VAL D 67 -9.24 -6.57 42.60
CA VAL D 67 -9.41 -5.38 43.44
C VAL D 67 -8.27 -5.23 44.48
N SER D 68 -7.85 -6.34 45.08
CA SER D 68 -6.81 -6.34 46.13
C SER D 68 -5.46 -5.78 45.66
N GLU D 69 -5.11 -6.09 44.40
CA GLU D 69 -3.89 -5.56 43.75
C GLU D 69 -4.13 -4.24 43.03
N GLY D 70 -5.31 -3.65 43.19
CA GLY D 70 -5.62 -2.36 42.60
C GLY D 70 -5.77 -2.34 41.09
N ARG D 71 -6.14 -3.49 40.50
CA ARG D 71 -6.27 -3.56 39.03
C ARG D 71 -7.59 -2.95 38.54
N VAL D 72 -8.66 -3.12 39.33
CA VAL D 72 -9.96 -2.45 39.12
C VAL D 72 -10.49 -1.82 40.42
N ASP D 73 -11.28 -0.75 40.31
CA ASP D 73 -11.97 -0.14 41.46
C ASP D 73 -13.35 -0.79 41.73
N GLY D 74 -13.89 -1.48 40.74
CA GLY D 74 -15.19 -2.12 40.86
C GLY D 74 -15.50 -3.03 39.69
N VAL D 75 -16.50 -3.88 39.86
CA VAL D 75 -16.77 -4.94 38.91
C VAL D 75 -18.20 -4.88 38.38
N LEU D 76 -18.35 -5.12 37.08
CA LEU D 76 -19.65 -5.48 36.51
C LEU D 76 -19.51 -6.93 36.10
N LEU D 77 -20.44 -7.78 36.55
CA LEU D 77 -20.34 -9.20 36.28
C LEU D 77 -21.62 -9.77 35.61
N GLN D 78 -21.45 -10.35 34.42
CA GLN D 78 -22.52 -11.12 33.76
C GLN D 78 -22.37 -12.57 34.23
N ARG D 79 -23.43 -13.18 34.75
CA ARG D 79 -23.32 -14.51 35.31
C ARG D 79 -23.21 -15.57 34.21
N ARG D 80 -22.34 -16.55 34.43
CA ARG D 80 -22.17 -17.68 33.52
C ARG D 80 -23.36 -18.55 33.63
N GLU D 81 -23.74 -19.18 32.52
CA GLU D 81 -24.94 -20.00 32.49
C GLU D 81 -24.81 -21.30 33.31
N ASP D 82 -23.58 -21.72 33.64
CA ASP D 82 -23.38 -22.84 34.57
C ASP D 82 -23.07 -22.40 36.03
N PHE D 83 -23.29 -21.12 36.34
CA PHE D 83 -23.23 -20.62 37.73
C PHE D 83 -24.59 -20.68 38.40
N ASP D 84 -24.67 -21.45 39.49
CA ASP D 84 -25.83 -21.38 40.38
C ASP D 84 -25.67 -20.19 41.33
N ASP D 85 -26.72 -19.90 42.10
CA ASP D 85 -26.74 -18.74 43.00
C ASP D 85 -25.66 -18.80 44.08
N ASP D 86 -25.29 -20.02 44.49
CA ASP D 86 -24.22 -20.20 45.48
C ASP D 86 -22.88 -19.76 44.89
N MET D 87 -22.58 -20.22 43.68
CA MET D 87 -21.29 -19.94 43.03
C MET D 87 -21.04 -18.43 42.86
N LEU D 88 -22.07 -17.70 42.43
CA LEU D 88 -21.95 -16.26 42.17
C LEU D 88 -21.71 -15.49 43.47
N ALA D 89 -22.47 -15.82 44.51
CA ALA D 89 -22.29 -15.24 45.85
C ALA D 89 -20.84 -15.36 46.32
N ALA D 90 -20.27 -16.57 46.20
CA ALA D 90 -18.86 -16.84 46.56
C ALA D 90 -17.88 -15.83 45.94
N VAL D 91 -17.89 -15.73 44.62
CA VAL D 91 -16.94 -14.86 43.91
C VAL D 91 -17.18 -13.36 44.23
N LEU D 92 -18.44 -13.01 44.51
CA LEU D 92 -18.80 -11.60 44.79
C LEU D 92 -18.61 -11.16 46.25
N GLU D 93 -18.54 -12.10 47.18
CA GLU D 93 -18.37 -11.76 48.61
C GLU D 93 -17.16 -10.83 48.83
N GLY D 94 -17.43 -9.61 49.26
CA GLY D 94 -16.37 -8.63 49.58
C GLY D 94 -15.77 -7.89 48.39
N VAL D 95 -16.62 -7.54 47.43
CA VAL D 95 -16.20 -6.98 46.14
C VAL D 95 -17.19 -5.90 45.70
N PRO D 96 -16.72 -4.66 45.40
CA PRO D 96 -17.69 -3.70 44.83
C PRO D 96 -18.14 -4.17 43.46
N ALA D 97 -19.42 -4.49 43.33
CA ALA D 97 -19.91 -5.22 42.16
C ALA D 97 -21.38 -4.95 41.88
N VAL D 98 -21.69 -4.88 40.60
CA VAL D 98 -23.06 -4.75 40.13
C VAL D 98 -23.24 -5.89 39.11
N THR D 99 -24.17 -6.80 39.37
CA THR D 99 -24.45 -7.88 38.40
C THR D 99 -25.26 -7.33 37.19
N ILE D 100 -24.93 -7.79 35.98
CA ILE D 100 -25.59 -7.31 34.76
C ILE D 100 -26.35 -8.44 34.08
N ASN D 101 -27.55 -8.12 33.62
CA ASN D 101 -28.44 -9.08 32.98
C ASN D 101 -28.60 -10.32 33.86
N SER D 102 -28.47 -10.13 35.16
CA SER D 102 -28.63 -11.20 36.15
C SER D 102 -28.63 -10.61 37.56
N ARG D 103 -29.34 -11.27 38.46
CA ARG D 103 -29.55 -10.78 39.81
C ARG D 103 -29.35 -11.94 40.79
N VAL D 104 -28.49 -11.74 41.78
CA VAL D 104 -28.26 -12.74 42.82
C VAL D 104 -29.12 -12.42 44.05
N PRO D 105 -30.04 -13.32 44.44
CA PRO D 105 -30.67 -13.14 45.75
C PRO D 105 -29.65 -13.22 46.89
N GLY D 106 -29.82 -12.36 47.88
CA GLY D 106 -28.94 -12.37 49.03
C GLY D 106 -27.88 -11.30 48.94
N ARG D 107 -27.99 -10.42 47.94
CA ARG D 107 -27.10 -9.28 47.83
C ARG D 107 -27.73 -8.14 47.04
N VAL D 108 -27.21 -6.93 47.22
CA VAL D 108 -27.67 -5.74 46.49
C VAL D 108 -26.62 -5.29 45.45
N GLY D 109 -27.10 -4.90 44.27
CA GLY D 109 -26.22 -4.44 43.18
C GLY D 109 -26.46 -5.22 41.92
N SER D 110 -27.51 -4.86 41.20
CA SER D 110 -27.92 -5.59 40.02
C SER D 110 -28.74 -4.68 39.13
N VAL D 111 -28.64 -4.92 37.82
CA VAL D 111 -29.45 -4.20 36.85
C VAL D 111 -29.93 -5.23 35.84
N ILE D 112 -31.23 -5.49 35.82
CA ILE D 112 -31.83 -6.47 34.90
C ILE D 112 -32.78 -5.83 33.89
N LEU D 113 -33.08 -6.59 32.84
CA LEU D 113 -34.00 -6.19 31.80
C LEU D 113 -35.43 -6.58 32.20
N ASP D 114 -36.38 -6.08 31.42
CA ASP D 114 -37.77 -6.33 31.68
C ASP D 114 -38.10 -7.71 31.09
N ASP D 115 -37.61 -8.72 31.77
CA ASP D 115 -37.49 -10.04 31.18
C ASP D 115 -38.85 -10.72 30.92
N GLN D 116 -39.72 -10.66 31.93
CA GLN D 116 -41.03 -11.31 31.88
C GLN D 116 -41.82 -10.69 30.75
N LYS D 117 -41.82 -9.35 30.71
CA LYS D 117 -42.55 -8.60 29.71
C LYS D 117 -42.07 -8.91 28.27
N GLY D 118 -40.78 -9.25 28.13
CA GLY D 118 -40.21 -9.62 26.83
C GLY D 118 -40.59 -11.02 26.36
N GLY D 119 -40.59 -11.97 27.29
CA GLY D 119 -41.08 -13.33 27.00
C GLY D 119 -42.56 -13.38 26.67
N GLY D 120 -43.34 -12.52 27.32
CA GLY D 120 -44.77 -12.46 27.05
C GLY D 120 -45.07 -11.90 25.67
N ILE D 121 -44.31 -10.86 25.29
CA ILE D 121 -44.54 -10.14 24.03
C ILE D 121 -44.29 -11.06 22.85
N ALA D 122 -43.31 -11.95 22.97
CA ALA D 122 -43.01 -12.94 21.94
C ALA D 122 -44.12 -13.98 21.81
N THR D 123 -44.62 -14.42 22.96
CA THR D 123 -45.73 -15.35 23.05
C THR D 123 -47.02 -14.68 22.56
N GLU D 124 -47.33 -13.50 23.11
CA GLU D 124 -48.46 -12.70 22.64
C GLU D 124 -48.54 -12.77 21.13
N HIS D 125 -47.43 -12.42 20.48
CA HIS D 125 -47.34 -12.38 19.01
C HIS D 125 -47.68 -13.71 18.34
N LEU D 126 -47.21 -14.83 18.93
CA LEU D 126 -47.49 -16.14 18.35
C LEU D 126 -48.99 -16.49 18.40
N ILE D 127 -49.67 -16.10 19.47
CA ILE D 127 -51.10 -16.39 19.62
C ILE D 127 -51.95 -15.52 18.70
N THR D 128 -51.61 -14.25 18.64
CA THR D 128 -52.21 -13.30 17.72
C THR D 128 -52.19 -13.79 16.25
N LEU D 129 -51.15 -14.53 15.86
CA LEU D 129 -51.08 -15.18 14.53
C LEU D 129 -51.91 -16.45 14.46
N GLY D 130 -52.28 -16.98 15.63
CA GLY D 130 -53.26 -18.07 15.73
C GLY D 130 -52.71 -19.38 16.27
N HIS D 131 -51.61 -19.32 17.01
CA HIS D 131 -50.99 -20.51 17.59
C HIS D 131 -51.61 -20.85 18.93
N SER D 132 -51.69 -22.14 19.22
CA SER D 132 -52.30 -22.66 20.46
C SER D 132 -51.43 -23.67 21.18
N ARG D 133 -50.56 -24.35 20.43
CA ARG D 133 -49.49 -25.16 21.01
C ARG D 133 -48.15 -24.45 20.83
N ILE D 134 -47.66 -23.88 21.91
CA ILE D 134 -46.46 -23.07 21.87
C ILE D 134 -45.41 -23.64 22.81
N ALA D 135 -44.25 -23.94 22.22
CA ALA D 135 -43.11 -24.41 22.99
C ALA D 135 -42.30 -23.25 23.57
N PHE D 136 -41.32 -23.61 24.41
CA PHE D 136 -40.34 -22.68 24.94
C PHE D 136 -38.98 -23.36 25.12
N ILE D 137 -37.98 -22.91 24.36
CA ILE D 137 -36.59 -23.33 24.57
C ILE D 137 -35.91 -22.28 25.45
N SER D 138 -35.68 -22.62 26.71
CA SER D 138 -35.14 -21.68 27.69
C SER D 138 -33.62 -21.62 27.65
N GLY D 139 -33.05 -20.70 28.42
CA GLY D 139 -31.66 -20.84 28.84
C GLY D 139 -31.52 -22.03 29.79
N THR D 140 -30.44 -22.08 30.57
CA THR D 140 -30.27 -23.14 31.57
C THR D 140 -31.26 -22.99 32.74
N ALA D 141 -31.49 -24.09 33.48
CA ALA D 141 -32.40 -24.06 34.66
C ALA D 141 -31.92 -23.07 35.73
N ILE D 142 -30.61 -22.81 35.77
CA ILE D 142 -30.02 -22.02 36.86
C ILE D 142 -29.85 -20.53 36.55
N HIS D 143 -29.98 -20.13 35.29
CA HIS D 143 -29.91 -18.71 34.96
C HIS D 143 -31.23 -17.99 35.26
N ASP D 144 -31.16 -16.94 36.09
CA ASP D 144 -32.35 -16.23 36.54
C ASP D 144 -33.04 -15.44 35.43
N THR D 145 -32.25 -14.93 34.49
CA THR D 145 -32.80 -14.28 33.32
C THR D 145 -33.67 -15.27 32.51
N ALA D 146 -33.19 -16.49 32.35
CA ALA D 146 -33.88 -17.55 31.60
C ALA D 146 -35.20 -17.94 32.25
N GLN D 147 -35.21 -18.04 33.57
CA GLN D 147 -36.44 -18.37 34.30
C GLN D 147 -37.44 -17.23 34.22
N ARG D 148 -37.00 -15.99 34.43
CA ARG D 148 -37.90 -14.81 34.32
C ARG D 148 -38.58 -14.67 32.94
N ARG D 149 -37.91 -15.07 31.88
CA ARG D 149 -38.51 -15.09 30.55
C ARG D 149 -39.44 -16.29 30.38
N LYS D 150 -39.11 -17.41 31.02
CA LYS D 150 -40.02 -18.56 31.04
C LYS D 150 -41.33 -18.19 31.75
N GLU D 151 -41.21 -17.48 32.87
CA GLU D 151 -42.36 -16.96 33.63
C GLU D 151 -43.30 -16.13 32.77
N GLY D 152 -42.75 -15.24 31.94
CA GLY D 152 -43.57 -14.35 31.11
C GLY D 152 -44.36 -15.10 30.07
N TYR D 153 -43.69 -16.06 29.43
CA TYR D 153 -44.35 -16.97 28.48
C TYR D 153 -45.48 -17.81 29.10
N LEU D 154 -45.26 -18.38 30.29
CA LEU D 154 -46.33 -19.11 31.02
C LEU D 154 -47.54 -18.20 31.39
N GLU D 155 -47.22 -17.08 32.05
CA GLU D 155 -48.19 -16.05 32.46
C GLU D 155 -49.03 -15.50 31.30
N THR D 156 -48.45 -15.46 30.10
CA THR D 156 -49.14 -15.01 28.89
C THR D 156 -50.03 -16.12 28.31
N LEU D 157 -49.60 -17.38 28.43
CA LEU D 157 -50.45 -18.52 28.07
C LEU D 157 -51.68 -18.61 28.98
N ALA D 158 -51.54 -18.17 30.24
CA ALA D 158 -52.66 -18.18 31.20
C ALA D 158 -53.58 -16.96 31.04
N SER D 159 -53.02 -15.80 30.68
CA SER D 159 -53.80 -14.58 30.44
C SER D 159 -54.72 -14.78 29.23
N ALA D 160 -54.14 -15.35 28.16
CA ALA D 160 -54.90 -15.79 26.99
C ALA D 160 -55.78 -17.03 27.28
N GLY D 161 -55.36 -17.86 28.24
CA GLY D 161 -56.11 -19.03 28.66
C GLY D 161 -55.86 -20.24 27.78
N LEU D 162 -54.57 -20.58 27.60
CA LEU D 162 -54.15 -21.65 26.68
C LEU D 162 -53.36 -22.77 27.36
N ARG D 163 -53.20 -23.87 26.64
CA ARG D 163 -52.50 -25.05 27.16
C ARG D 163 -50.99 -24.84 27.24
N SER D 164 -50.35 -25.50 28.21
CA SER D 164 -48.91 -25.71 28.19
C SER D 164 -48.63 -27.06 28.80
N GLU D 165 -47.59 -27.73 28.29
CA GLU D 165 -47.20 -29.04 28.80
C GLU D 165 -45.78 -28.99 29.36
N ALA D 166 -45.43 -30.02 30.10
CA ALA D 166 -44.08 -30.17 30.61
C ALA D 166 -43.11 -30.45 29.46
N ALA D 167 -43.54 -31.25 28.47
CA ALA D 167 -42.69 -31.63 27.34
C ALA D 167 -42.35 -30.49 26.35
N TRP D 168 -43.17 -29.44 26.32
CA TRP D 168 -43.00 -28.28 25.44
C TRP D 168 -42.04 -27.21 25.99
N VAL D 169 -41.71 -27.30 27.27
CA VAL D 169 -40.72 -26.40 27.86
C VAL D 169 -39.43 -27.14 28.12
N VAL D 170 -38.39 -26.81 27.36
CA VAL D 170 -37.08 -27.44 27.49
C VAL D 170 -36.03 -26.40 27.87
N ASP D 171 -35.28 -26.71 28.91
CA ASP D 171 -34.18 -25.88 29.36
C ASP D 171 -32.98 -26.20 28.47
N ALA D 172 -32.26 -25.17 28.05
CA ALA D 172 -31.24 -25.36 27.01
C ALA D 172 -29.99 -24.55 27.28
N GLY D 173 -29.98 -23.30 26.82
CA GLY D 173 -28.80 -22.43 26.89
C GLY D 173 -28.94 -21.15 26.07
N TRP D 174 -27.97 -20.26 26.17
CA TRP D 174 -27.97 -19.05 25.35
C TRP D 174 -27.51 -19.31 23.88
N GLU D 175 -26.83 -20.44 23.63
CA GLU D 175 -25.99 -20.58 22.45
C GLU D 175 -26.56 -21.49 21.36
N ALA D 176 -26.10 -21.26 20.15
CA ALA D 176 -26.60 -21.94 18.98
C ALA D 176 -26.72 -23.45 19.21
N ASP D 177 -25.69 -24.05 19.78
CA ASP D 177 -25.65 -25.52 19.91
C ASP D 177 -26.67 -26.03 20.96
N ALA D 178 -26.92 -25.22 22.00
CA ALA D 178 -27.99 -25.51 22.98
C ALA D 178 -29.36 -25.41 22.30
N GLY D 179 -29.59 -24.34 21.54
CA GLY D 179 -30.87 -24.16 20.87
C GLY D 179 -31.15 -25.31 19.91
N SER D 180 -30.14 -25.71 19.16
CA SER D 180 -30.25 -26.82 18.23
C SER D 180 -30.54 -28.13 18.97
N ALA D 181 -29.86 -28.37 20.09
CA ALA D 181 -30.11 -29.61 20.86
C ALA D 181 -31.58 -29.66 21.37
N ALA D 182 -32.05 -28.54 21.92
CA ALA D 182 -33.43 -28.39 22.41
C ALA D 182 -34.49 -28.57 21.31
N LEU D 183 -34.18 -28.10 20.11
CA LEU D 183 -35.13 -28.22 18.99
C LEU D 183 -35.26 -29.68 18.57
N ASN D 184 -34.12 -30.36 18.43
CA ASN D 184 -34.11 -31.80 18.18
C ASN D 184 -34.98 -32.58 19.19
N THR D 185 -34.87 -32.21 20.47
CA THR D 185 -35.61 -32.88 21.54
C THR D 185 -37.11 -32.63 21.43
N LEU D 186 -37.48 -31.40 21.07
CA LEU D 186 -38.89 -31.04 20.85
C LEU D 186 -39.46 -31.76 19.65
N TYR D 187 -38.60 -32.01 18.68
CA TYR D 187 -39.01 -32.68 17.46
C TYR D 187 -39.21 -34.18 17.69
N ARG D 188 -38.31 -34.81 18.43
CA ARG D 188 -38.39 -36.26 18.63
C ARG D 188 -39.36 -36.60 19.75
N GLY D 189 -39.26 -35.87 20.86
CA GLY D 189 -40.07 -36.12 22.06
C GLY D 189 -41.48 -35.56 22.03
N ALA D 190 -41.62 -34.30 21.61
CA ALA D 190 -42.92 -33.61 21.64
C ALA D 190 -43.60 -33.45 20.27
N ASN D 191 -43.14 -34.20 19.27
CA ASN D 191 -43.69 -34.14 17.92
C ASN D 191 -43.80 -32.72 17.32
N LEU D 192 -42.80 -31.87 17.59
CA LEU D 192 -42.81 -30.46 17.16
C LEU D 192 -42.95 -30.34 15.66
N GLY D 193 -43.91 -29.53 15.21
CA GLY D 193 -44.15 -29.29 13.80
C GLY D 193 -44.91 -30.40 13.08
N LYS D 194 -45.52 -31.31 13.85
CA LYS D 194 -46.32 -32.41 13.29
C LYS D 194 -47.78 -32.24 13.68
N PRO D 195 -48.62 -33.23 13.34
CA PRO D 195 -50.04 -33.15 13.65
C PRO D 195 -50.33 -32.89 15.13
N ASP D 196 -49.70 -33.66 16.01
CA ASP D 196 -49.86 -33.47 17.46
C ASP D 196 -49.15 -32.23 17.99
N GLY D 197 -47.97 -31.96 17.45
CA GLY D 197 -47.00 -31.05 18.08
C GLY D 197 -47.41 -29.61 18.26
N PRO D 198 -46.61 -28.87 19.06
CA PRO D 198 -46.67 -27.42 19.03
C PRO D 198 -46.30 -26.91 17.64
N THR D 199 -46.86 -25.76 17.25
CA THR D 199 -46.63 -25.19 15.92
C THR D 199 -45.69 -23.98 15.96
N ALA D 200 -45.26 -23.59 17.16
CA ALA D 200 -44.45 -22.41 17.33
C ALA D 200 -43.52 -22.61 18.52
N VAL D 201 -42.40 -21.90 18.54
CA VAL D 201 -41.51 -21.92 19.70
C VAL D 201 -40.80 -20.58 19.96
N VAL D 202 -40.94 -20.12 21.21
CA VAL D 202 -40.25 -18.96 21.74
C VAL D 202 -38.92 -19.47 22.26
N VAL D 203 -37.83 -18.78 21.88
CA VAL D 203 -36.49 -19.17 22.27
C VAL D 203 -35.90 -18.06 23.14
N ALA D 204 -35.41 -18.44 24.31
CA ALA D 204 -35.10 -17.51 25.41
C ALA D 204 -34.02 -16.51 25.04
N SER D 205 -33.08 -16.93 24.19
CA SER D 205 -32.10 -16.01 23.63
C SER D 205 -31.77 -16.34 22.17
N VAL D 206 -31.32 -15.29 21.47
CA VAL D 206 -31.29 -15.21 20.02
C VAL D 206 -30.31 -16.16 19.35
N ASN D 207 -29.15 -16.37 19.96
CA ASN D 207 -28.16 -17.31 19.41
C ASN D 207 -28.71 -18.73 19.40
N ALA D 208 -29.39 -19.08 20.49
CA ALA D 208 -30.09 -20.38 20.60
C ALA D 208 -31.18 -20.42 19.56
N ALA D 209 -31.81 -19.28 19.33
CA ALA D 209 -32.86 -19.18 18.32
C ALA D 209 -32.32 -19.43 16.91
N VAL D 210 -31.12 -18.93 16.61
CA VAL D 210 -30.46 -19.16 15.30
C VAL D 210 -30.09 -20.64 15.17
N GLY D 211 -29.65 -21.23 16.28
CA GLY D 211 -29.48 -22.67 16.32
C GLY D 211 -30.79 -23.42 16.04
N ALA D 212 -31.88 -22.99 16.65
CA ALA D 212 -33.18 -23.71 16.47
C ALA D 212 -33.65 -23.67 15.01
N LEU D 213 -33.58 -22.48 14.42
CA LEU D 213 -33.91 -22.27 13.01
C LEU D 213 -33.16 -23.23 12.12
N SER D 214 -31.83 -23.17 12.21
CA SER D 214 -30.96 -23.99 11.37
C SER D 214 -31.33 -25.45 11.45
N THR D 215 -31.56 -25.95 12.65
CA THR D 215 -31.86 -27.37 12.88
C THR D 215 -33.25 -27.71 12.39
N ALA D 216 -34.18 -26.77 12.60
CA ALA D 216 -35.53 -26.87 12.02
C ALA D 216 -35.48 -27.12 10.52
N LEU D 217 -34.65 -26.34 9.83
CA LEU D 217 -34.57 -26.39 8.37
C LEU D 217 -33.90 -27.67 7.92
N ARG D 218 -32.82 -28.04 8.60
CA ARG D 218 -32.08 -29.25 8.26
C ARG D 218 -32.99 -30.46 8.27
N LEU D 219 -33.80 -30.55 9.34
CA LEU D 219 -34.71 -31.68 9.56
C LEU D 219 -35.68 -31.83 8.37
N GLY D 220 -36.10 -30.70 7.82
CA GLY D 220 -37.06 -30.67 6.73
C GLY D 220 -38.37 -30.03 7.14
N LEU D 221 -38.38 -29.33 8.28
CA LEU D 221 -39.50 -28.46 8.62
C LEU D 221 -39.38 -27.13 7.87
N ARG D 222 -40.43 -26.74 7.15
CA ARG D 222 -40.48 -25.39 6.57
C ARG D 222 -40.76 -24.39 7.70
N VAL D 223 -40.05 -23.27 7.71
CA VAL D 223 -40.32 -22.18 8.63
C VAL D 223 -40.66 -20.97 7.79
N PRO D 224 -41.80 -20.30 8.06
CA PRO D 224 -42.77 -20.45 9.14
C PRO D 224 -43.94 -21.43 8.87
N GLU D 225 -43.99 -22.06 7.69
CA GLU D 225 -45.17 -22.85 7.26
C GLU D 225 -45.49 -24.05 8.18
N ASP D 226 -44.47 -24.83 8.53
CA ASP D 226 -44.62 -25.95 9.46
C ASP D 226 -44.32 -25.62 10.94
N LEU D 227 -43.54 -24.55 11.20
CA LEU D 227 -43.13 -24.15 12.58
C LEU D 227 -42.77 -22.66 12.68
N SER D 228 -43.33 -21.94 13.65
CA SER D 228 -43.01 -20.50 13.85
C SER D 228 -42.02 -20.26 15.02
N ILE D 229 -40.93 -19.53 14.74
CA ILE D 229 -39.85 -19.29 15.71
C ILE D 229 -39.72 -17.81 16.06
N VAL D 230 -39.75 -17.49 17.36
CA VAL D 230 -39.45 -16.13 17.86
C VAL D 230 -38.31 -16.19 18.90
N GLY D 231 -37.31 -15.32 18.74
CA GLY D 231 -36.24 -15.18 19.73
C GLY D 231 -36.35 -13.90 20.56
N ILE D 232 -35.68 -13.89 21.70
CA ILE D 232 -35.64 -12.73 22.60
C ILE D 232 -34.24 -12.17 22.57
N ASN D 233 -34.16 -10.85 22.40
CA ASN D 233 -32.95 -10.13 21.96
C ASN D 233 -32.70 -10.29 20.48
N THR D 234 -31.92 -9.33 19.93
CA THR D 234 -31.73 -9.13 18.51
C THR D 234 -30.26 -8.81 18.17
N THR D 235 -29.70 -9.49 17.18
CA THR D 235 -28.35 -9.19 16.73
C THR D 235 -28.34 -9.00 15.22
N TRP D 236 -27.20 -8.62 14.68
CA TRP D 236 -27.05 -8.56 13.23
C TRP D 236 -27.27 -9.95 12.64
N VAL D 237 -27.00 -10.98 13.43
CA VAL D 237 -27.20 -12.35 12.93
C VAL D 237 -28.67 -12.71 12.72
N SER D 238 -29.51 -12.39 13.69
CA SER D 238 -30.95 -12.72 13.61
C SER D 238 -31.64 -11.92 12.50
N ASP D 239 -31.15 -10.72 12.26
CA ASP D 239 -31.63 -9.90 11.15
C ASP D 239 -31.08 -10.28 9.79
N THR D 240 -29.93 -10.97 9.76
CA THR D 240 -29.25 -11.16 8.51
C THR D 240 -29.62 -12.48 7.86
N VAL D 241 -29.81 -13.53 8.65
CA VAL D 241 -30.08 -14.88 8.13
C VAL D 241 -31.41 -14.95 7.30
N TYR D 242 -31.56 -16.01 6.49
CA TYR D 242 -32.76 -16.23 5.68
C TYR D 242 -33.33 -17.62 5.92
N PRO D 243 -34.57 -17.70 6.40
CA PRO D 243 -35.43 -16.57 6.78
C PRO D 243 -34.94 -15.81 8.01
N ALA D 244 -35.16 -14.49 8.04
CA ALA D 244 -34.76 -13.69 9.18
C ALA D 244 -35.62 -14.03 10.37
N LEU D 245 -34.99 -14.05 11.55
CA LEU D 245 -35.65 -14.39 12.81
C LEU D 245 -36.46 -13.24 13.38
N THR D 246 -37.74 -13.49 13.63
CA THR D 246 -38.55 -12.55 14.37
C THR D 246 -37.99 -12.55 15.80
N THR D 247 -37.74 -11.36 16.34
CA THR D 247 -37.20 -11.27 17.68
C THR D 247 -37.81 -10.12 18.47
N VAL D 248 -37.58 -10.12 19.77
CA VAL D 248 -37.99 -9.03 20.64
C VAL D 248 -36.74 -8.37 21.23
N ARG D 249 -36.50 -7.13 20.81
CA ARG D 249 -35.33 -6.33 21.16
C ARG D 249 -35.49 -5.68 22.53
N LEU D 250 -34.55 -5.99 23.42
CA LEU D 250 -34.42 -5.39 24.75
C LEU D 250 -33.31 -4.30 24.71
N PRO D 251 -33.35 -3.35 25.66
CA PRO D 251 -32.50 -2.17 25.57
C PRO D 251 -31.13 -2.37 26.23
N LEU D 252 -30.32 -3.18 25.56
CA LEU D 252 -29.05 -3.66 26.12
C LEU D 252 -28.02 -2.57 26.37
N GLN D 253 -27.97 -1.58 25.49
CA GLN D 253 -27.06 -0.44 25.61
C GLN D 253 -27.37 0.39 26.87
N ARG D 254 -28.65 0.60 27.15
CA ARG D 254 -29.03 1.35 28.33
C ARG D 254 -28.65 0.53 29.56
N LEU D 255 -29.01 -0.76 29.58
CA LEU D 255 -28.63 -1.65 30.70
C LEU D 255 -27.14 -1.53 31.02
N GLY D 256 -26.29 -1.54 30.00
CA GLY D 256 -24.86 -1.34 30.18
C GLY D 256 -24.57 0.06 30.71
N GLU D 257 -25.19 1.06 30.08
CA GLU D 257 -25.05 2.44 30.49
C GLU D 257 -25.43 2.58 31.98
N VAL D 258 -26.60 2.05 32.35
CA VAL D 258 -27.13 2.18 33.72
C VAL D 258 -26.34 1.39 34.76
N ALA D 259 -25.93 0.17 34.43
CA ALA D 259 -25.12 -0.63 35.35
C ALA D 259 -23.79 0.06 35.72
N ALA D 260 -23.04 0.46 34.70
CA ALA D 260 -21.78 1.22 34.88
C ALA D 260 -21.97 2.48 35.72
N ASP D 261 -23.09 3.18 35.50
CA ASP D 261 -23.42 4.37 36.28
C ASP D 261 -23.59 4.02 37.77
N VAL D 262 -24.35 2.95 38.07
CA VAL D 262 -24.61 2.54 39.47
C VAL D 262 -23.33 2.18 40.21
N LEU D 263 -22.51 1.35 39.57
CA LEU D 263 -21.18 1.03 40.10
C LEU D 263 -20.34 2.27 40.42
N MET D 264 -20.24 3.21 39.48
CA MET D 264 -19.39 4.42 39.63
C MET D 264 -19.99 5.45 40.61
N GLU D 265 -21.32 5.55 40.65
CA GLU D 265 -21.97 6.37 41.67
C GLU D 265 -21.72 5.74 43.05
N HIS D 266 -21.70 4.41 43.12
CA HIS D 266 -21.43 3.67 44.38
C HIS D 266 -19.97 3.83 44.82
N LEU D 267 -19.05 3.86 43.86
CA LEU D 267 -17.65 4.18 44.15
C LEU D 267 -17.42 5.60 44.66
N GLY D 268 -18.38 6.49 44.44
CA GLY D 268 -18.36 7.83 45.07
C GLY D 268 -19.18 7.96 46.36
N GLY D 269 -19.70 6.85 46.88
CA GLY D 269 -20.42 6.87 48.16
C GLY D 269 -21.85 6.33 48.16
N ARG D 270 -22.54 6.42 47.04
CA ARG D 270 -23.94 5.99 46.95
C ARG D 270 -24.11 4.51 47.27
N ALA D 271 -25.32 4.13 47.66
CA ALA D 271 -25.62 2.72 47.94
C ALA D 271 -25.79 1.94 46.63
N LEU D 272 -25.41 0.67 46.66
CA LEU D 272 -25.73 -0.22 45.55
C LEU D 272 -27.24 -0.38 45.52
N THR D 273 -27.83 -0.36 44.33
CA THR D 273 -29.28 -0.55 44.16
C THR D 273 -29.57 -1.83 43.42
N ASP D 274 -30.85 -2.18 43.33
CA ASP D 274 -31.32 -3.22 42.41
C ASP D 274 -32.34 -2.59 41.48
N THR D 275 -32.08 -2.66 40.18
CA THR D 275 -32.81 -1.87 39.18
C THR D 275 -33.33 -2.75 38.04
N VAL D 276 -34.44 -2.33 37.43
CA VAL D 276 -34.95 -2.94 36.22
C VAL D 276 -35.01 -1.82 35.19
N VAL D 277 -34.39 -2.06 34.04
CA VAL D 277 -34.47 -1.12 32.94
C VAL D 277 -35.77 -1.46 32.20
N THR D 278 -36.82 -0.70 32.51
CA THR D 278 -38.15 -1.00 31.98
C THR D 278 -38.46 -0.19 30.70
N GLN D 279 -37.67 0.86 30.46
CA GLN D 279 -37.78 1.72 29.27
C GLN D 279 -36.42 1.80 28.57
N PRO D 280 -36.40 1.73 27.22
CA PRO D 280 -37.50 1.45 26.29
C PRO D 280 -38.12 0.06 26.46
N THR D 281 -39.36 -0.08 26.01
CA THR D 281 -40.09 -1.32 26.16
C THR D 281 -39.62 -2.31 25.09
N PRO D 282 -39.79 -3.63 25.35
CA PRO D 282 -39.46 -4.67 24.38
C PRO D 282 -40.07 -4.38 23.02
N GLU D 283 -39.25 -4.36 21.98
CA GLU D 283 -39.75 -4.02 20.65
C GLU D 283 -39.87 -5.29 19.83
N LEU D 284 -41.11 -5.69 19.59
CA LEU D 284 -41.40 -6.75 18.64
C LEU D 284 -40.90 -6.35 17.23
N LEU D 285 -39.97 -7.14 16.70
CA LEU D 285 -39.42 -6.95 15.38
C LEU D 285 -39.83 -8.12 14.49
N VAL D 286 -40.88 -7.91 13.69
CA VAL D 286 -41.47 -8.95 12.85
C VAL D 286 -40.60 -9.21 11.65
N ARG D 287 -40.26 -10.47 11.40
CA ARG D 287 -39.43 -10.84 10.28
C ARG D 287 -40.05 -12.05 9.58
N GLU D 288 -39.22 -12.95 9.03
CA GLU D 288 -39.70 -14.01 8.13
C GLU D 288 -40.00 -15.34 8.84
N THR D 289 -39.79 -15.41 10.14
CA THR D 289 -39.92 -16.69 10.86
C THR D 289 -41.26 -16.90 11.57
N THR D 290 -42.15 -15.91 11.55
CA THR D 290 -43.45 -16.08 12.21
C THR D 290 -44.60 -16.00 11.23
N ALA D 291 -45.47 -17.00 11.27
CA ALA D 291 -46.71 -16.97 10.50
C ALA D 291 -47.81 -17.79 11.21
N PRO D 292 -49.05 -17.63 10.72
CA PRO D 292 -50.12 -18.48 11.22
C PRO D 292 -49.84 -19.97 10.98
N PRO D 293 -50.33 -20.85 11.86
CA PRO D 293 -50.08 -22.30 11.72
C PRO D 293 -50.95 -23.01 10.65
C ACT E . -10.95 -10.39 8.90
O ACT E . -11.62 -11.33 8.40
OXT ACT E . -9.71 -10.57 8.94
CH3 ACT E . -11.62 -9.16 9.46
C ACT F . -29.97 -20.12 8.51
O ACT F . -29.99 -21.34 8.73
OXT ACT F . -29.83 -19.73 7.30
CH3 ACT F . -30.07 -19.20 9.67
C ACT G . 14.64 5.33 -6.82
O ACT G . 15.71 5.62 -6.22
OXT ACT G . 14.26 4.11 -6.82
CH3 ACT G . 13.86 6.40 -7.53
C ACT H . 25.95 18.61 -26.34
O ACT H . 26.14 19.39 -25.36
OXT ACT H . 25.40 19.12 -27.33
CH3 ACT H . 26.36 17.19 -26.27
C ACT I . -29.65 -12.86 26.85
O ACT I . -29.83 -11.92 27.67
OXT ACT I . -30.43 -12.89 25.87
CH3 ACT I . -28.55 -13.87 27.00
#